data_1WCI
#
_entry.id   1WCI
#
_cell.length_a   145.044
_cell.length_b   145.044
_cell.length_c   69.510
_cell.angle_alpha   90.00
_cell.angle_beta   90.00
_cell.angle_gamma   120.00
#
_symmetry.space_group_name_H-M   'P 31 2 1'
#
loop_
_entity.id
_entity.type
_entity.pdbx_description
1 polymer '2-OXOISOVALERATE DEHYDROGENASE ALPHA SUBUNIT'
2 polymer '2-OXOISOVALERATE DEHYDROGENASE BETA SUBUNIT'
3 non-polymer 'CHLORIDE ION'
4 non-polymer C2-1-HYDROXY-3-METHYL-BUTYL-THIAMIN
5 non-polymer 'POTASSIUM ION'
6 non-polymer 'MANGANESE (II) ION'
7 non-polymer GLYCEROL
8 water water
#
loop_
_entity_poly.entity_id
_entity_poly.type
_entity_poly.pdbx_seq_one_letter_code
_entity_poly.pdbx_strand_id
1 'polypeptide(L)'
;SSLDDKPQFPGASAEFIDKLEFIQPNVISGIPIYRVMDRQGQIINPSEDPHLPKEKVLKLYKSMTLLNTMDRILYESQRQ
GRISFYMTNYGEEGTHVGSAAALDNTDLVFGQYREAGVLMYRDYPLELFMAQCYGNISDLGKGRQMPVHYGCKERHFVTI
SSPLATQIPQAVGAAYAAKRANANRVVICYFGEGAASEGDAHAGFNFAATLECPIIFFCRNNGYAISTPTSEQYRGDGIA
ARGPGYGIMSIRVDGNDVFAVYNATKEARRRAVAENQPFLIEAMTYRIGHHSTSDDSSAYRSVDEVNYWDKQDHPISRLR
HYLLSQGWWDEEQEKAWRKQSRRKVMEAFEQAERKPKPNPNLLFSDVYQEMPAQLRKQQESLARHLQTYGEHYPLDHFDK
;
A
2 'polypeptide(L)'
;VAHFTFQPDPEPREYGQTQKMNLFQSVTSALDNSLAKDPTAVIFGEDVAFGGVFRCTVGLRDKYGKDRVFNTPLCEQGIV
GFGIGIAVTGATAIAEIQFADYIFPAFDQIVNEAAKYRYRSGDLFNCGSLTIRSPWGCVGHGALYHSQSPEAFFAHCPGI
KVVIPRSPFQAKGLLLSCIEDKNPCIFFEPKILYRAAAEEVPIEPYNIPLSQAEVIQEGSDVTLVAWGTQVHVIREVASM
AKEKLGVSCEVIDLRTIIPWDVDTICKSVIKTGRLLISHEAPLTGGFASEISSTVQEECFLNLEAPISRVCGYDTPFPHI
FEPFYIPDKWKCYDALRKMINY
;
B
#
# COMPACT_ATOMS: atom_id res chain seq x y z
N LYS A 6 -14.90 28.13 33.62
CA LYS A 6 -14.68 26.90 32.78
C LYS A 6 -13.73 27.14 31.59
N PRO A 7 -12.85 26.16 31.32
CA PRO A 7 -11.96 26.23 30.17
C PRO A 7 -12.75 26.32 28.88
N GLN A 8 -12.24 27.08 27.92
CA GLN A 8 -12.93 27.33 26.65
C GLN A 8 -12.18 26.77 25.45
N PHE A 9 -11.05 26.08 25.67
CA PHE A 9 -10.19 25.67 24.59
C PHE A 9 -10.83 24.63 23.69
N PRO A 10 -10.71 24.85 22.38
CA PRO A 10 -11.30 23.90 21.41
C PRO A 10 -10.63 22.52 21.46
N GLY A 11 -9.37 22.44 21.86
CA GLY A 11 -8.65 21.15 21.73
C GLY A 11 -9.00 20.04 22.74
N ALA A 12 -9.60 20.41 23.87
CA ALA A 12 -9.93 19.39 24.90
C ALA A 12 -11.13 19.82 25.69
N SER A 13 -11.77 18.85 26.33
CA SER A 13 -12.92 19.09 27.19
C SER A 13 -12.45 18.73 28.63
N ALA A 14 -12.30 19.74 29.48
CA ALA A 14 -11.69 19.51 30.79
C ALA A 14 -11.99 20.65 31.76
N GLU A 15 -11.77 20.42 33.06
CA GLU A 15 -11.85 21.49 34.06
C GLU A 15 -10.49 22.17 34.22
N PHE A 16 -10.44 23.28 34.94
CA PHE A 16 -9.14 23.79 35.40
C PHE A 16 -8.66 23.02 36.62
N ILE A 17 -7.37 22.98 36.83
CA ILE A 17 -6.83 22.56 38.13
C ILE A 17 -5.89 23.66 38.61
N ASP A 18 -5.94 23.97 39.92
CA ASP A 18 -5.08 25.04 40.44
C ASP A 18 -3.76 24.58 41.10
N LYS A 19 -3.38 23.31 40.91
CA LYS A 19 -2.10 22.79 41.42
C LYS A 19 -1.38 21.92 40.39
N LEU A 20 -0.06 21.98 40.41
CA LEU A 20 0.75 21.33 39.35
C LEU A 20 0.88 19.85 39.67
N GLU A 21 0.34 19.00 38.80
CA GLU A 21 0.34 17.54 39.01
C GLU A 21 0.59 16.87 37.68
N PHE A 22 1.71 16.19 37.53
CA PHE A 22 1.92 15.38 36.34
C PHE A 22 1.13 14.10 36.41
N ILE A 23 0.62 13.66 35.27
CA ILE A 23 -0.12 12.42 35.17
C ILE A 23 0.93 11.31 35.03
N GLN A 24 0.90 10.38 35.97
CA GLN A 24 1.76 9.20 35.92
C GLN A 24 1.04 8.03 35.22
N PRO A 25 1.78 7.27 34.41
CA PRO A 25 1.28 6.04 33.78
C PRO A 25 1.15 4.93 34.83
N ASN A 26 0.16 4.04 34.69
CA ASN A 26 0.00 2.83 35.55
C ASN A 26 0.59 1.61 34.89
N VAL A 27 1.90 1.41 35.04
CA VAL A 27 2.54 0.34 34.27
C VAL A 27 2.67 -0.96 35.10
N ILE A 28 3.02 -0.79 36.38
CA ILE A 28 3.12 -1.90 37.33
C ILE A 28 1.74 -2.55 37.54
N SER A 29 0.71 -1.71 37.64
CA SER A 29 -0.68 -2.17 37.75
C SER A 29 -1.39 -1.91 36.44
N GLY A 30 -1.06 -2.71 35.45
CA GLY A 30 -1.61 -2.46 34.13
C GLY A 30 -3.04 -2.91 33.96
N ILE A 31 -3.50 -2.75 32.74
CA ILE A 31 -4.83 -3.18 32.38
C ILE A 31 -4.86 -4.70 32.62
N PRO A 32 -5.86 -5.16 33.36
CA PRO A 32 -5.92 -6.58 33.74
C PRO A 32 -6.14 -7.50 32.51
N ILE A 33 -5.82 -8.78 32.70
CA ILE A 33 -5.84 -9.73 31.63
C ILE A 33 -7.10 -10.60 31.73
N TYR A 34 -7.99 -10.43 30.76
CA TYR A 34 -9.23 -11.21 30.77
C TYR A 34 -8.98 -12.69 30.49
N ARG A 35 -9.53 -13.53 31.39
N ARG A 35 -9.49 -13.56 31.38
CA ARG A 35 -9.38 -14.97 31.34
CA ARG A 35 -9.34 -14.99 31.20
C ARG A 35 -10.79 -15.58 31.52
C ARG A 35 -10.62 -15.71 31.65
N VAL A 36 -11.02 -16.70 30.86
CA VAL A 36 -12.31 -17.43 31.00
C VAL A 36 -12.04 -18.79 31.58
N MET A 37 -10.99 -19.44 31.08
CA MET A 37 -10.69 -20.74 31.63
C MET A 37 -9.29 -20.82 32.22
N ASP A 38 -9.11 -21.60 33.29
CA ASP A 38 -7.77 -21.73 33.85
C ASP A 38 -6.92 -22.69 33.03
N ARG A 39 -5.65 -22.86 33.44
CA ARG A 39 -4.69 -23.69 32.70
C ARG A 39 -5.06 -25.17 32.71
N GLN A 40 -5.96 -25.57 33.59
CA GLN A 40 -6.53 -26.92 33.59
C GLN A 40 -7.84 -27.02 32.79
N GLY A 41 -8.13 -26.00 31.97
CA GLY A 41 -9.32 -25.97 31.11
C GLY A 41 -10.66 -25.85 31.85
N GLN A 42 -10.63 -25.37 33.10
CA GLN A 42 -11.87 -25.19 33.85
C GLN A 42 -12.39 -23.77 33.66
N ILE A 43 -13.70 -23.63 33.46
CA ILE A 43 -14.35 -22.30 33.42
C ILE A 43 -14.28 -21.62 34.78
N ILE A 44 -13.76 -20.41 34.80
CA ILE A 44 -13.62 -19.71 36.06
C ILE A 44 -14.91 -19.04 36.54
N ASN A 45 -15.69 -18.50 35.61
CA ASN A 45 -16.85 -17.69 35.97
C ASN A 45 -18.00 -18.06 35.02
N PRO A 46 -18.94 -18.89 35.49
CA PRO A 46 -20.03 -19.35 34.65
C PRO A 46 -20.69 -18.30 33.79
N SER A 47 -20.82 -17.07 34.30
CA SER A 47 -21.48 -16.05 33.49
C SER A 47 -20.67 -15.63 32.25
N GLU A 48 -19.38 -16.02 32.18
CA GLU A 48 -18.53 -15.67 31.05
C GLU A 48 -18.42 -16.81 30.06
N ASP A 49 -18.99 -17.96 30.40
CA ASP A 49 -18.83 -19.12 29.54
C ASP A 49 -19.64 -18.89 28.25
N PRO A 50 -19.03 -18.95 27.06
CA PRO A 50 -19.80 -18.72 25.84
C PRO A 50 -20.70 -19.92 25.50
N HIS A 51 -20.53 -21.02 26.21
CA HIS A 51 -21.20 -22.30 25.86
C HIS A 51 -21.21 -22.53 24.32
N LEU A 52 -20.05 -22.53 23.67
CA LEU A 52 -19.98 -22.91 22.25
C LEU A 52 -20.39 -24.36 22.13
N PRO A 53 -21.11 -24.71 21.06
CA PRO A 53 -21.55 -26.10 20.86
C PRO A 53 -20.39 -27.01 20.55
N LYS A 54 -20.61 -28.30 20.80
CA LYS A 54 -19.56 -29.30 20.68
C LYS A 54 -18.78 -29.25 19.33
N GLU A 55 -19.53 -29.17 18.21
CA GLU A 55 -18.93 -29.23 16.86
C GLU A 55 -17.98 -28.05 16.65
N LYS A 56 -18.37 -26.90 17.16
CA LYS A 56 -17.55 -25.69 17.04
C LYS A 56 -16.24 -25.77 17.87
N VAL A 57 -16.38 -26.25 19.10
CA VAL A 57 -15.20 -26.38 19.98
C VAL A 57 -14.24 -27.43 19.41
N LEU A 58 -14.79 -28.52 18.89
CA LEU A 58 -13.96 -29.52 18.22
C LEU A 58 -13.30 -28.93 16.97
N LYS A 59 -14.01 -28.11 16.24
CA LYS A 59 -13.33 -27.38 15.12
C LYS A 59 -12.20 -26.44 15.62
N LEU A 60 -12.41 -25.73 16.72
CA LEU A 60 -11.30 -24.89 17.26
C LEU A 60 -10.13 -25.82 17.54
N TYR A 61 -10.41 -26.95 18.19
CA TYR A 61 -9.32 -27.84 18.59
C TYR A 61 -8.59 -28.47 17.40
N LYS A 62 -9.36 -29.07 16.49
CA LYS A 62 -8.78 -29.67 15.28
C LYS A 62 -8.04 -28.65 14.38
N SER A 63 -8.53 -27.42 14.29
CA SER A 63 -7.80 -26.41 13.53
C SER A 63 -6.43 -26.13 14.17
N MET A 64 -6.38 -25.96 15.49
N MET A 64 -6.40 -26.02 15.50
CA MET A 64 -5.07 -25.67 16.12
CA MET A 64 -5.15 -25.73 16.23
C MET A 64 -4.11 -26.84 15.89
C MET A 64 -4.11 -26.83 16.07
N THR A 65 -4.55 -28.07 16.13
CA THR A 65 -3.62 -29.19 16.07
C THR A 65 -3.23 -29.46 14.61
N LEU A 66 -4.14 -29.25 13.68
CA LEU A 66 -3.78 -29.43 12.25
C LEU A 66 -2.73 -28.40 11.87
N LEU A 67 -2.88 -27.17 12.37
CA LEU A 67 -1.85 -26.14 12.10
C LEU A 67 -0.50 -26.55 12.72
N ASN A 68 -0.58 -27.07 13.94
CA ASN A 68 0.63 -27.49 14.61
C ASN A 68 1.34 -28.63 13.85
N THR A 69 0.56 -29.58 13.34
CA THR A 69 1.07 -30.67 12.51
C THR A 69 1.77 -30.13 11.23
N MET A 70 1.10 -29.20 10.57
CA MET A 70 1.65 -28.59 9.37
C MET A 70 2.92 -27.81 9.69
N ASP A 71 2.89 -27.02 10.77
CA ASP A 71 4.07 -26.30 11.21
C ASP A 71 5.29 -27.22 11.37
N ARG A 72 5.10 -28.36 12.02
CA ARG A 72 6.25 -29.27 12.29
C ARG A 72 6.84 -29.80 10.98
N ILE A 73 5.97 -30.20 10.08
CA ILE A 73 6.39 -30.72 8.78
C ILE A 73 7.08 -29.66 7.91
N LEU A 74 6.45 -28.48 7.81
CA LEU A 74 7.04 -27.44 6.95
C LEU A 74 8.32 -26.86 7.55
N TYR A 75 8.39 -26.80 8.89
CA TYR A 75 9.66 -26.38 9.53
C TYR A 75 10.76 -27.40 9.14
N GLU A 76 10.46 -28.70 9.26
CA GLU A 76 11.45 -29.73 8.81
C GLU A 76 11.81 -29.60 7.34
N SER A 77 10.82 -29.31 6.51
CA SER A 77 11.06 -29.17 5.07
C SER A 77 12.07 -28.01 4.80
N GLN A 78 11.91 -26.91 5.52
CA GLN A 78 12.83 -25.77 5.39
C GLN A 78 14.25 -26.17 5.86
N ARG A 79 14.35 -26.86 6.99
CA ARG A 79 15.68 -27.33 7.47
C ARG A 79 16.43 -28.16 6.43
N GLN A 80 15.65 -28.91 5.66
CA GLN A 80 16.22 -29.78 4.64
C GLN A 80 16.44 -29.03 3.33
N GLY A 81 16.06 -27.76 3.26
CA GLY A 81 16.25 -26.97 2.02
C GLY A 81 15.19 -27.24 0.93
N ARG A 82 14.09 -27.89 1.29
CA ARG A 82 13.01 -28.14 0.34
C ARG A 82 12.10 -26.92 0.01
N ILE A 83 11.94 -26.07 1.00
CA ILE A 83 11.32 -24.73 0.86
C ILE A 83 12.33 -23.73 1.44
N SER A 84 12.25 -22.47 1.02
CA SER A 84 13.35 -21.53 1.30
C SER A 84 13.23 -20.93 2.69
N PHE A 85 12.06 -20.99 3.29
CA PHE A 85 11.77 -20.21 4.48
C PHE A 85 10.54 -20.70 5.17
N TYR A 86 10.47 -20.56 6.49
CA TYR A 86 9.20 -20.86 7.14
C TYR A 86 9.12 -20.14 8.50
N MET A 87 7.90 -19.90 8.96
CA MET A 87 7.70 -19.34 10.31
C MET A 87 6.58 -20.10 10.97
N THR A 88 6.83 -20.58 12.17
CA THR A 88 5.82 -21.38 12.86
C THR A 88 4.91 -20.45 13.69
N ASN A 89 3.85 -21.06 14.23
CA ASN A 89 2.84 -20.36 14.98
C ASN A 89 2.75 -20.87 16.41
N TYR A 90 3.84 -21.51 16.90
CA TYR A 90 3.77 -22.23 18.20
C TYR A 90 3.46 -21.30 19.33
N GLY A 91 2.43 -21.66 20.09
CA GLY A 91 2.05 -20.94 21.29
C GLY A 91 0.94 -19.94 21.03
N GLU A 92 0.73 -19.59 19.76
CA GLU A 92 -0.21 -18.52 19.38
C GLU A 92 -1.44 -19.08 18.67
N GLU A 93 -1.56 -20.41 18.61
CA GLU A 93 -2.66 -21.03 17.84
C GLU A 93 -4.02 -20.61 18.40
N GLY A 94 -4.10 -20.33 19.72
CA GLY A 94 -5.37 -19.98 20.36
C GLY A 94 -5.87 -18.61 19.95
N THR A 95 -4.92 -17.68 19.74
CA THR A 95 -5.32 -16.36 19.33
C THR A 95 -5.92 -16.44 17.96
N HIS A 96 -5.34 -17.25 17.09
CA HIS A 96 -5.83 -17.33 15.70
C HIS A 96 -7.26 -17.88 15.69
N VAL A 97 -7.45 -19.05 16.32
CA VAL A 97 -8.72 -19.76 16.11
C VAL A 97 -9.82 -19.14 16.92
N GLY A 98 -9.51 -18.71 18.14
CA GLY A 98 -10.48 -18.04 19.02
C GLY A 98 -11.05 -16.80 18.33
N SER A 99 -10.18 -15.99 17.71
CA SER A 99 -10.66 -14.77 17.13
C SER A 99 -11.38 -15.06 15.81
N ALA A 100 -10.81 -15.94 14.98
CA ALA A 100 -11.46 -16.26 13.69
C ALA A 100 -12.87 -16.82 13.91
N ALA A 101 -13.05 -17.61 14.97
CA ALA A 101 -14.38 -18.21 15.21
C ALA A 101 -15.44 -17.19 15.60
N ALA A 102 -15.01 -16.06 16.16
CA ALA A 102 -15.91 -14.94 16.54
C ALA A 102 -16.26 -14.02 15.36
N LEU A 103 -15.59 -14.18 14.21
CA LEU A 103 -15.87 -13.34 13.07
C LEU A 103 -16.96 -13.93 12.19
N ASP A 104 -17.64 -13.07 11.42
N ASP A 104 -17.60 -13.06 11.40
CA ASP A 104 -18.50 -13.55 10.37
CA ASP A 104 -18.43 -13.50 10.29
C ASP A 104 -17.59 -13.99 9.21
C ASP A 104 -17.52 -14.05 9.22
N ASN A 105 -18.03 -15.00 8.43
CA ASN A 105 -17.18 -15.57 7.37
C ASN A 105 -16.68 -14.61 6.33
N THR A 106 -17.49 -13.58 6.08
CA THR A 106 -17.09 -12.55 5.15
C THR A 106 -16.44 -11.33 5.77
N ASP A 107 -16.18 -11.31 7.08
CA ASP A 107 -15.39 -10.19 7.63
C ASP A 107 -13.98 -10.23 7.00
N LEU A 108 -13.47 -9.06 6.64
CA LEU A 108 -12.22 -9.04 5.87
C LEU A 108 -11.05 -9.03 6.87
N VAL A 109 -10.09 -9.89 6.64
CA VAL A 109 -8.91 -10.02 7.53
C VAL A 109 -7.64 -9.44 6.84
N PHE A 110 -6.94 -8.59 7.58
CA PHE A 110 -5.56 -8.18 7.28
C PHE A 110 -4.65 -8.73 8.37
N GLY A 111 -3.49 -9.20 7.97
CA GLY A 111 -2.58 -9.84 8.89
C GLY A 111 -1.15 -9.42 8.76
N GLN A 112 -0.31 -10.13 9.49
CA GLN A 112 1.11 -9.78 9.58
C GLN A 112 1.94 -10.87 8.98
N TYR A 113 1.77 -12.10 9.48
CA TYR A 113 2.46 -13.34 8.99
C TYR A 113 2.32 -14.51 9.94
N ARG A 114 1.87 -14.24 11.16
CA ARG A 114 1.84 -15.30 12.12
C ARG A 114 0.41 -15.51 12.54
N GLU A 115 -0.48 -15.68 11.56
CA GLU A 115 -1.95 -15.80 11.73
C GLU A 115 -2.55 -16.89 10.85
N ALA A 116 -1.73 -17.86 10.48
CA ALA A 116 -2.23 -18.89 9.54
C ALA A 116 -3.44 -19.65 10.09
N GLY A 117 -3.58 -19.73 11.41
CA GLY A 117 -4.71 -20.46 11.99
C GLY A 117 -6.03 -19.83 11.57
N VAL A 118 -6.01 -18.54 11.26
CA VAL A 118 -7.26 -17.86 10.83
C VAL A 118 -7.71 -18.46 9.50
N LEU A 119 -6.76 -18.59 8.57
CA LEU A 119 -7.02 -19.30 7.30
C LEU A 119 -7.44 -20.75 7.52
N MET A 120 -6.74 -21.44 8.45
CA MET A 120 -7.03 -22.87 8.67
C MET A 120 -8.48 -22.98 9.18
N TYR A 121 -8.87 -22.04 10.05
CA TYR A 121 -10.24 -22.06 10.61
C TYR A 121 -11.26 -21.81 9.52
N ARG A 122 -10.89 -20.95 8.57
CA ARG A 122 -11.69 -20.70 7.38
C ARG A 122 -11.56 -21.75 6.25
N ASP A 123 -10.98 -22.91 6.59
CA ASP A 123 -10.99 -24.07 5.69
C ASP A 123 -10.13 -23.87 4.44
N TYR A 124 -9.05 -23.11 4.59
CA TYR A 124 -8.11 -22.91 3.50
C TYR A 124 -7.42 -24.28 3.27
N PRO A 125 -7.42 -24.81 2.04
CA PRO A 125 -6.91 -26.19 1.84
C PRO A 125 -5.44 -26.32 2.18
N LEU A 126 -5.06 -27.43 2.79
CA LEU A 126 -3.64 -27.78 2.96
C LEU A 126 -2.79 -27.61 1.67
N GLU A 127 -3.39 -28.01 0.56
CA GLU A 127 -2.78 -27.94 -0.76
C GLU A 127 -2.35 -26.48 -1.09
N LEU A 128 -3.13 -25.50 -0.67
CA LEU A 128 -2.83 -24.11 -1.00
C LEU A 128 -1.85 -23.48 -0.06
N PHE A 129 -1.89 -23.86 1.24
CA PHE A 129 -0.82 -23.45 2.13
C PHE A 129 0.49 -23.95 1.55
N MET A 130 0.51 -25.22 1.18
CA MET A 130 1.76 -25.79 0.70
C MET A 130 2.18 -25.23 -0.68
N ALA A 131 1.20 -24.97 -1.54
CA ALA A 131 1.47 -24.36 -2.88
C ALA A 131 2.21 -23.02 -2.73
N GLN A 132 1.80 -22.21 -1.76
CA GLN A 132 2.46 -20.92 -1.55
C GLN A 132 3.88 -21.14 -1.05
N CYS A 133 4.06 -22.02 -0.08
CA CYS A 133 5.41 -22.24 0.49
C CYS A 133 6.37 -22.79 -0.57
N TYR A 134 5.87 -23.67 -1.43
CA TYR A 134 6.68 -24.22 -2.55
C TYR A 134 6.73 -23.35 -3.79
N GLY A 135 5.88 -22.32 -3.82
CA GLY A 135 5.79 -21.50 -5.04
C GLY A 135 5.47 -22.34 -6.27
N ASN A 136 4.56 -23.31 -6.17
CA ASN A 136 4.30 -24.25 -7.32
C ASN A 136 3.16 -23.73 -8.20
N ILE A 137 2.80 -24.49 -9.24
CA ILE A 137 1.76 -24.02 -10.16
C ILE A 137 0.40 -23.84 -9.60
N SER A 138 0.10 -24.46 -8.46
CA SER A 138 -1.20 -24.31 -7.82
C SER A 138 -1.32 -23.04 -6.98
N ASP A 139 -0.18 -22.36 -6.74
CA ASP A 139 -0.18 -21.13 -5.95
C ASP A 139 -0.91 -19.99 -6.73
N LEU A 140 -2.00 -19.47 -6.16
CA LEU A 140 -2.65 -18.35 -6.86
C LEU A 140 -1.82 -17.07 -6.79
N GLY A 141 -0.85 -17.06 -5.88
CA GLY A 141 0.13 -15.94 -5.80
C GLY A 141 1.25 -16.07 -6.82
N LYS A 142 1.20 -17.15 -7.61
CA LYS A 142 2.10 -17.36 -8.74
C LYS A 142 3.57 -17.49 -8.35
N GLY A 143 3.83 -17.98 -7.13
CA GLY A 143 5.22 -18.23 -6.66
C GLY A 143 6.01 -16.93 -6.41
N ARG A 144 5.34 -15.78 -6.39
CA ARG A 144 6.08 -14.50 -6.40
C ARG A 144 6.59 -14.08 -5.04
N GLN A 145 5.87 -14.43 -3.98
CA GLN A 145 6.31 -13.98 -2.61
C GLN A 145 6.98 -15.12 -1.85
N MET A 146 7.77 -14.80 -0.84
N MET A 146 7.77 -14.78 -0.83
CA MET A 146 8.38 -15.85 0.00
CA MET A 146 8.34 -15.76 0.12
C MET A 146 7.31 -16.63 0.77
C MET A 146 7.28 -16.64 0.76
N PRO A 147 7.65 -17.83 1.22
CA PRO A 147 6.76 -18.67 1.96
C PRO A 147 6.05 -17.97 3.18
N VAL A 148 4.86 -18.47 3.45
CA VAL A 148 3.93 -17.98 4.52
C VAL A 148 3.30 -16.61 4.21
N HIS A 149 3.50 -16.14 2.99
CA HIS A 149 2.81 -14.90 2.57
C HIS A 149 1.47 -15.24 1.93
N TYR A 150 0.55 -15.73 2.75
CA TYR A 150 -0.68 -16.30 2.22
C TYR A 150 -1.71 -15.22 1.91
N GLY A 151 -2.68 -15.53 1.04
CA GLY A 151 -3.80 -14.61 0.74
C GLY A 151 -4.90 -15.47 0.10
N CYS A 152 -6.15 -15.11 0.31
CA CYS A 152 -7.25 -15.90 -0.29
C CYS A 152 -8.40 -14.91 -0.49
N LYS A 153 -8.71 -14.61 -1.74
CA LYS A 153 -9.82 -13.71 -2.00
C LYS A 153 -11.16 -14.37 -1.58
N GLU A 154 -11.32 -15.67 -1.86
CA GLU A 154 -12.54 -16.39 -1.53
C GLU A 154 -12.87 -16.36 -0.01
N ARG A 155 -11.82 -16.41 0.81
CA ARG A 155 -11.96 -16.41 2.25
C ARG A 155 -11.59 -15.05 2.89
N HIS A 156 -11.55 -13.99 2.10
CA HIS A 156 -11.53 -12.62 2.62
C HIS A 156 -10.33 -12.48 3.55
N PHE A 157 -9.19 -12.93 3.06
CA PHE A 157 -7.94 -12.82 3.82
C PHE A 157 -6.91 -12.15 2.93
N VAL A 158 -6.62 -10.87 3.21
CA VAL A 158 -5.82 -10.04 2.26
C VAL A 158 -4.39 -10.56 2.33
N THR A 159 -3.80 -10.71 1.16
CA THR A 159 -2.42 -11.22 1.02
C THR A 159 -1.44 -10.53 1.97
N ILE A 160 -0.79 -11.36 2.75
CA ILE A 160 0.27 -10.89 3.69
C ILE A 160 1.41 -10.20 2.94
N SER A 161 1.98 -9.14 3.50
CA SER A 161 3.21 -8.63 2.93
C SER A 161 4.24 -8.44 4.06
N SER A 162 5.51 -8.48 3.72
CA SER A 162 6.56 -8.51 4.75
C SER A 162 6.69 -7.16 5.53
N PRO A 163 6.57 -5.99 4.87
CA PRO A 163 6.74 -4.73 5.61
C PRO A 163 5.80 -4.62 6.81
N LEU A 164 6.36 -4.40 8.01
CA LEU A 164 5.54 -4.50 9.17
C LEU A 164 4.60 -3.29 9.28
N ALA A 165 3.39 -3.58 9.75
CA ALA A 165 2.34 -2.59 10.13
C ALA A 165 1.71 -1.81 8.97
N THR A 166 2.21 -2.01 7.74
CA THR A 166 1.61 -1.29 6.56
C THR A 166 0.12 -1.60 6.35
N GLN A 167 -0.32 -2.78 6.81
CA GLN A 167 -1.72 -3.21 6.64
C GLN A 167 -2.63 -2.48 7.65
N ILE A 168 -2.05 -1.83 8.65
CA ILE A 168 -2.89 -1.24 9.67
C ILE A 168 -3.75 -0.08 9.09
N PRO A 169 -3.15 0.95 8.50
CA PRO A 169 -4.00 2.00 7.95
C PRO A 169 -4.81 1.51 6.73
N GLN A 170 -4.30 0.49 6.02
CA GLN A 170 -5.07 -0.11 4.91
C GLN A 170 -6.34 -0.71 5.42
N ALA A 171 -6.20 -1.49 6.51
CA ALA A 171 -7.40 -2.13 7.11
C ALA A 171 -8.46 -1.05 7.47
N VAL A 172 -7.97 0.08 7.97
CA VAL A 172 -8.87 1.17 8.33
C VAL A 172 -9.59 1.72 7.09
N GLY A 173 -8.86 1.92 5.98
CA GLY A 173 -9.50 2.38 4.75
C GLY A 173 -10.56 1.37 4.24
N ALA A 174 -10.26 0.08 4.35
CA ALA A 174 -11.20 -0.95 3.91
C ALA A 174 -12.46 -0.91 4.83
N ALA A 175 -12.22 -0.61 6.13
CA ALA A 175 -13.31 -0.51 7.09
C ALA A 175 -14.20 0.72 6.82
N TYR A 176 -13.57 1.83 6.42
CA TYR A 176 -14.33 3.04 6.04
C TYR A 176 -15.20 2.74 4.81
N ALA A 177 -14.61 2.06 3.83
CA ALA A 177 -15.33 1.71 2.61
C ALA A 177 -16.55 0.80 2.93
N ALA A 178 -16.35 -0.15 3.83
CA ALA A 178 -17.42 -1.05 4.30
C ALA A 178 -18.57 -0.30 4.94
N LYS A 179 -18.22 0.68 5.78
CA LYS A 179 -19.21 1.55 6.42
C LYS A 179 -20.07 2.18 5.34
N ARG A 180 -19.39 2.73 4.33
CA ARG A 180 -20.06 3.48 3.28
C ARG A 180 -20.98 2.53 2.54
N ALA A 181 -20.49 1.32 2.28
CA ALA A 181 -21.24 0.35 1.51
C ALA A 181 -22.45 -0.14 2.31
N ASN A 182 -22.50 0.22 3.58
CA ASN A 182 -23.51 -0.32 4.48
C ASN A 182 -23.49 -1.82 4.61
N ALA A 183 -22.27 -2.31 4.86
CA ALA A 183 -21.89 -3.71 4.76
C ALA A 183 -22.43 -4.73 5.82
N ASN A 184 -22.74 -4.27 7.04
CA ASN A 184 -22.72 -5.15 8.23
C ASN A 184 -21.51 -6.10 8.20
N ARG A 185 -20.35 -5.53 7.95
CA ARG A 185 -19.12 -6.27 7.86
C ARG A 185 -18.11 -5.50 8.74
N VAL A 186 -17.19 -6.23 9.40
CA VAL A 186 -16.12 -5.61 10.20
C VAL A 186 -14.86 -5.97 9.46
N VAL A 187 -13.81 -5.21 9.70
CA VAL A 187 -12.47 -5.58 9.26
C VAL A 187 -11.70 -5.91 10.53
N ILE A 188 -10.88 -6.97 10.48
CA ILE A 188 -9.94 -7.18 11.59
C ILE A 188 -8.51 -7.08 11.08
N CYS A 189 -7.63 -6.54 11.91
CA CYS A 189 -6.28 -6.25 11.50
C CYS A 189 -5.34 -6.81 12.58
N TYR A 190 -4.62 -7.85 12.24
CA TYR A 190 -3.69 -8.45 13.21
C TYR A 190 -2.28 -7.87 13.03
N PHE A 191 -1.55 -7.75 14.13
CA PHE A 191 -0.15 -7.29 14.10
C PHE A 191 0.50 -7.65 15.44
N GLY A 192 1.83 -7.67 15.47
CA GLY A 192 2.56 -8.03 16.70
C GLY A 192 2.89 -6.78 17.50
N GLU A 193 3.46 -6.97 18.69
CA GLU A 193 3.75 -5.84 19.52
C GLU A 193 4.95 -5.05 19.01
N GLY A 194 5.86 -5.72 18.33
CA GLY A 194 6.97 -5.04 17.65
C GLY A 194 6.36 -4.12 16.55
N ALA A 195 5.53 -4.70 15.68
CA ALA A 195 4.97 -3.92 14.54
C ALA A 195 4.23 -2.64 15.06
N ALA A 196 3.66 -2.73 16.25
CA ALA A 196 2.92 -1.63 16.86
C ALA A 196 3.79 -0.39 17.13
N SER A 197 5.11 -0.56 17.08
CA SER A 197 6.05 0.55 17.24
C SER A 197 6.16 1.40 15.99
N GLU A 198 5.69 0.83 14.87
CA GLU A 198 5.85 1.53 13.54
C GLU A 198 4.92 2.75 13.47
N GLY A 199 5.35 3.79 12.78
CA GLY A 199 4.50 4.97 12.55
C GLY A 199 3.12 4.65 11.94
N ASP A 200 3.05 3.65 11.07
CA ASP A 200 1.76 3.22 10.48
C ASP A 200 0.73 2.77 11.51
N ALA A 201 1.18 2.26 12.67
CA ALA A 201 0.22 1.93 13.70
C ALA A 201 -0.46 3.17 14.30
N HIS A 202 0.29 4.23 14.51
CA HIS A 202 -0.23 5.50 15.04
C HIS A 202 -1.20 6.10 14.01
N ALA A 203 -0.85 6.01 12.73
CA ALA A 203 -1.71 6.48 11.65
C ALA A 203 -3.06 5.72 11.67
N GLY A 204 -2.98 4.39 11.66
CA GLY A 204 -4.20 3.56 11.58
C GLY A 204 -5.08 3.79 12.81
N PHE A 205 -4.50 3.80 14.01
CA PHE A 205 -5.31 3.94 15.22
C PHE A 205 -6.03 5.29 15.18
N ASN A 206 -5.31 6.33 14.82
CA ASN A 206 -5.93 7.67 14.88
C ASN A 206 -6.99 7.80 13.78
N PHE A 207 -6.66 7.35 12.56
CA PHE A 207 -7.68 7.42 11.51
C PHE A 207 -8.95 6.65 11.84
N ALA A 208 -8.78 5.47 12.42
CA ALA A 208 -9.95 4.65 12.74
C ALA A 208 -10.91 5.36 13.69
N ALA A 209 -10.35 6.06 14.66
CA ALA A 209 -11.17 6.75 15.66
C ALA A 209 -11.79 7.98 15.03
N THR A 210 -10.99 8.82 14.37
CA THR A 210 -11.54 10.08 13.88
C THR A 210 -12.46 9.90 12.68
N LEU A 211 -12.23 8.85 11.90
CA LEU A 211 -13.11 8.61 10.73
C LEU A 211 -14.24 7.63 11.07
N GLU A 212 -14.23 7.12 12.31
CA GLU A 212 -15.31 6.25 12.89
C GLU A 212 -15.47 4.98 12.05
N CYS A 213 -14.49 4.07 12.12
CA CYS A 213 -14.49 2.88 11.25
C CYS A 213 -14.78 1.59 12.06
N PRO A 214 -15.55 0.65 11.48
CA PRO A 214 -15.84 -0.63 12.10
C PRO A 214 -14.66 -1.59 11.92
N ILE A 215 -13.66 -1.40 12.76
CA ILE A 215 -12.46 -2.21 12.70
C ILE A 215 -12.07 -2.74 14.09
N ILE A 216 -11.57 -3.96 14.10
CA ILE A 216 -10.94 -4.52 15.32
C ILE A 216 -9.43 -4.58 15.08
N PHE A 217 -8.66 -3.88 15.91
CA PHE A 217 -7.21 -4.02 15.89
C PHE A 217 -6.88 -5.16 16.87
N PHE A 218 -6.15 -6.17 16.41
CA PHE A 218 -5.85 -7.36 17.22
C PHE A 218 -4.35 -7.49 17.34
N CYS A 219 -3.82 -7.18 18.53
CA CYS A 219 -2.37 -7.19 18.70
C CYS A 219 -1.93 -8.48 19.39
N ARG A 220 -1.06 -9.27 18.76
N ARG A 220 -1.10 -9.29 18.73
CA ARG A 220 -0.55 -10.50 19.41
CA ARG A 220 -0.53 -10.48 19.42
C ARG A 220 0.71 -10.07 20.16
C ARG A 220 0.67 -9.92 20.15
N ASN A 221 0.61 -9.92 21.48
CA ASN A 221 1.78 -9.55 22.28
C ASN A 221 2.44 -10.81 22.81
N ASN A 222 3.49 -11.26 22.11
CA ASN A 222 4.12 -12.52 22.49
C ASN A 222 5.50 -12.34 23.13
N GLY A 223 5.79 -11.14 23.64
CA GLY A 223 6.95 -10.87 24.46
C GLY A 223 8.25 -10.48 23.72
N TYR A 224 8.34 -10.81 22.44
CA TYR A 224 9.59 -10.55 21.66
C TYR A 224 9.28 -10.15 20.24
N ALA A 225 10.16 -9.31 19.68
CA ALA A 225 10.15 -8.98 18.25
C ALA A 225 11.56 -9.45 17.81
N ILE A 226 11.62 -10.60 17.15
CA ILE A 226 12.91 -11.31 16.98
C ILE A 226 13.66 -11.39 18.33
N SER A 227 14.75 -10.66 18.50
CA SER A 227 15.56 -10.82 19.73
C SER A 227 15.16 -9.76 20.78
N THR A 228 14.29 -8.84 20.39
CA THR A 228 14.09 -7.65 21.20
C THR A 228 12.96 -7.90 22.23
N PRO A 229 13.23 -7.87 23.54
CA PRO A 229 12.16 -8.11 24.51
C PRO A 229 11.30 -6.83 24.63
N THR A 230 10.08 -6.96 25.15
CA THR A 230 9.18 -5.79 25.22
C THR A 230 9.75 -4.65 26.08
N SER A 231 10.65 -4.96 27.02
CA SER A 231 11.29 -3.90 27.79
C SER A 231 12.12 -2.96 26.90
N GLU A 232 12.49 -3.38 25.69
CA GLU A 232 13.20 -2.48 24.79
C GLU A 232 12.25 -1.99 23.65
N GLN A 233 11.00 -2.44 23.68
CA GLN A 233 10.05 -2.11 22.62
C GLN A 233 9.17 -0.88 22.98
N TYR A 234 8.85 -0.77 24.28
CA TYR A 234 7.95 0.28 24.82
C TYR A 234 8.11 0.39 26.31
N ARG A 235 7.58 1.46 26.88
CA ARG A 235 7.66 1.64 28.34
C ARG A 235 6.32 1.89 29.01
N GLY A 236 5.28 2.03 28.22
CA GLY A 236 3.97 2.14 28.85
C GLY A 236 3.43 0.71 29.06
N ASP A 237 2.16 0.63 29.43
CA ASP A 237 1.54 -0.63 29.78
C ASP A 237 1.08 -1.33 28.50
N GLY A 238 2.03 -1.85 27.73
CA GLY A 238 1.72 -2.69 26.57
C GLY A 238 1.00 -1.88 25.50
N ILE A 239 0.33 -2.60 24.58
CA ILE A 239 -0.33 -1.91 23.49
C ILE A 239 -1.75 -1.48 23.94
N ALA A 240 -2.37 -2.27 24.81
CA ALA A 240 -3.78 -2.01 25.22
C ALA A 240 -3.87 -0.60 25.82
N ALA A 241 -2.84 -0.21 26.57
CA ALA A 241 -2.94 1.13 27.20
C ALA A 241 -2.85 2.31 26.23
N ARG A 242 -2.41 2.08 24.99
CA ARG A 242 -2.38 3.16 24.01
C ARG A 242 -3.76 3.47 23.44
N GLY A 243 -4.65 2.48 23.46
CA GLY A 243 -5.97 2.61 22.75
C GLY A 243 -6.78 3.83 23.24
N PRO A 244 -6.99 3.93 24.55
CA PRO A 244 -7.77 5.04 25.11
C PRO A 244 -7.29 6.43 24.70
N GLY A 245 -5.96 6.63 24.57
CA GLY A 245 -5.39 7.88 24.12
C GLY A 245 -5.87 8.29 22.73
N TYR A 246 -6.23 7.30 21.89
CA TYR A 246 -6.75 7.60 20.57
C TYR A 246 -8.30 7.62 20.58
N GLY A 247 -8.88 7.40 21.75
CA GLY A 247 -10.35 7.31 21.82
C GLY A 247 -10.88 5.93 21.47
N ILE A 248 -10.03 4.91 21.50
CA ILE A 248 -10.44 3.54 21.09
C ILE A 248 -10.74 2.66 22.30
N MET A 249 -11.91 2.03 22.30
CA MET A 249 -12.27 1.03 23.33
C MET A 249 -11.30 -0.15 23.27
N SER A 250 -10.74 -0.52 24.42
CA SER A 250 -9.56 -1.39 24.48
C SER A 250 -9.72 -2.45 25.54
N ILE A 251 -9.11 -3.61 25.31
CA ILE A 251 -9.16 -4.71 26.29
C ILE A 251 -7.90 -5.57 26.17
N ARG A 252 -7.52 -6.24 27.24
CA ARG A 252 -6.40 -7.14 27.17
C ARG A 252 -6.92 -8.52 27.54
N VAL A 253 -6.48 -9.54 26.80
CA VAL A 253 -7.00 -10.91 27.03
C VAL A 253 -5.82 -11.89 27.19
N ASP A 254 -6.08 -13.00 27.87
CA ASP A 254 -5.16 -14.12 27.89
C ASP A 254 -5.21 -14.82 26.51
N GLY A 255 -4.16 -14.62 25.73
CA GLY A 255 -4.12 -15.12 24.36
C GLY A 255 -3.96 -16.61 24.32
N ASN A 256 -3.65 -17.23 25.47
CA ASN A 256 -3.61 -18.70 25.55
C ASN A 256 -4.96 -19.34 25.90
N ASP A 257 -6.01 -18.54 25.92
CA ASP A 257 -7.33 -18.97 26.35
C ASP A 257 -8.24 -18.70 25.17
N VAL A 258 -8.50 -19.74 24.39
CA VAL A 258 -9.41 -19.61 23.23
C VAL A 258 -10.73 -18.94 23.54
N PHE A 259 -11.30 -19.20 24.74
CA PHE A 259 -12.61 -18.65 25.04
C PHE A 259 -12.54 -17.18 25.40
N ALA A 260 -11.47 -16.77 26.07
CA ALA A 260 -11.28 -15.33 26.36
C ALA A 260 -11.11 -14.56 25.04
N VAL A 261 -10.30 -15.10 24.13
CA VAL A 261 -10.10 -14.47 22.83
C VAL A 261 -11.42 -14.40 22.06
N TYR A 262 -12.16 -15.52 22.07
CA TYR A 262 -13.42 -15.61 21.37
C TYR A 262 -14.39 -14.51 21.93
N ASN A 263 -14.59 -14.50 23.25
CA ASN A 263 -15.56 -13.59 23.83
C ASN A 263 -15.25 -12.12 23.52
N ALA A 264 -13.98 -11.76 23.70
CA ALA A 264 -13.59 -10.36 23.42
C ALA A 264 -13.78 -10.01 21.94
N THR A 265 -13.39 -10.91 21.06
CA THR A 265 -13.52 -10.67 19.61
C THR A 265 -15.02 -10.60 19.21
N LYS A 266 -15.84 -11.48 19.79
N LYS A 266 -15.83 -11.49 19.79
CA LYS A 266 -17.28 -11.52 19.47
CA LYS A 266 -17.28 -11.54 19.50
C LYS A 266 -17.95 -10.21 19.87
C LYS A 266 -17.96 -10.22 19.87
N GLU A 267 -17.64 -9.72 21.06
CA GLU A 267 -18.26 -8.50 21.55
C GLU A 267 -17.70 -7.28 20.79
N ALA A 268 -16.40 -7.26 20.53
CA ALA A 268 -15.84 -6.16 19.70
C ALA A 268 -16.49 -6.10 18.33
N ARG A 269 -16.70 -7.26 17.71
CA ARG A 269 -17.30 -7.31 16.36
C ARG A 269 -18.69 -6.75 16.41
N ARG A 270 -19.47 -7.23 17.39
CA ARG A 270 -20.86 -6.78 17.51
C ARG A 270 -20.93 -5.27 17.68
N ARG A 271 -20.09 -4.73 18.54
CA ARG A 271 -20.14 -3.29 18.80
C ARG A 271 -19.48 -2.43 17.69
N ALA A 272 -18.35 -2.89 17.17
CA ALA A 272 -17.69 -2.15 16.05
C ALA A 272 -18.67 -2.01 14.87
N VAL A 273 -19.43 -3.07 14.52
CA VAL A 273 -20.32 -3.00 13.38
C VAL A 273 -21.55 -2.12 13.67
N ALA A 274 -22.09 -2.24 14.88
CA ALA A 274 -23.27 -1.46 15.25
C ALA A 274 -22.98 0.02 15.42
N GLU A 275 -21.80 0.34 15.92
CA GLU A 275 -21.53 1.70 16.40
C GLU A 275 -20.55 2.44 15.49
N ASN A 276 -19.98 1.75 14.50
CA ASN A 276 -18.91 2.30 13.66
C ASN A 276 -17.83 2.91 14.49
N GLN A 277 -17.22 2.08 15.32
CA GLN A 277 -16.17 2.50 16.22
C GLN A 277 -15.12 1.40 16.35
N PRO A 278 -13.85 1.80 16.36
CA PRO A 278 -12.79 0.80 16.46
C PRO A 278 -12.65 0.20 17.86
N PHE A 279 -12.16 -1.04 17.93
CA PHE A 279 -11.88 -1.72 19.20
C PHE A 279 -10.50 -2.25 19.10
N LEU A 280 -9.78 -2.20 20.21
CA LEU A 280 -8.44 -2.75 20.25
C LEU A 280 -8.39 -3.93 21.22
N ILE A 281 -7.88 -5.07 20.75
CA ILE A 281 -7.72 -6.27 21.62
C ILE A 281 -6.23 -6.59 21.67
N GLU A 282 -5.67 -6.60 22.86
CA GLU A 282 -4.25 -7.03 22.96
C GLU A 282 -4.27 -8.43 23.59
N ALA A 283 -3.84 -9.44 22.82
CA ALA A 283 -3.79 -10.80 23.32
C ALA A 283 -2.40 -11.15 23.80
N MET A 284 -2.32 -11.45 25.09
CA MET A 284 -1.03 -11.76 25.72
C MET A 284 -0.72 -13.22 25.46
N THR A 285 0.47 -13.49 24.92
N THR A 285 0.42 -13.44 24.80
CA THR A 285 0.84 -14.87 24.64
CA THR A 285 0.87 -14.80 24.47
C THR A 285 2.33 -14.99 24.88
C THR A 285 2.34 -14.93 24.78
N TYR A 286 2.93 -16.00 24.26
CA TYR A 286 4.37 -16.18 24.31
C TYR A 286 4.76 -16.92 23.03
N ARG A 287 5.75 -16.38 22.32
CA ARG A 287 6.24 -16.99 21.08
C ARG A 287 7.10 -18.19 21.45
N ILE A 288 6.54 -19.39 21.31
CA ILE A 288 7.23 -20.59 21.77
C ILE A 288 8.35 -20.95 20.81
N GLY A 289 8.08 -20.77 19.52
CA GLY A 289 9.06 -21.10 18.51
C GLY A 289 10.17 -20.07 18.36
N HIS A 290 11.15 -20.40 17.51
CA HIS A 290 12.08 -19.38 17.00
C HIS A 290 11.25 -18.33 16.26
N HIS A 291 11.87 -17.18 16.00
CA HIS A 291 11.17 -16.15 15.26
C HIS A 291 10.78 -16.66 13.86
N SER A 292 11.73 -17.37 13.24
CA SER A 292 11.60 -17.94 11.89
C SER A 292 12.72 -18.99 11.71
N THR A 293 12.77 -19.58 10.53
CA THR A 293 13.82 -20.54 10.23
C THR A 293 15.16 -19.88 10.08
N SER A 294 15.20 -18.54 10.02
CA SER A 294 16.49 -17.85 9.96
C SER A 294 17.04 -17.52 11.38
N ASP A 295 16.28 -17.91 12.41
CA ASP A 295 16.52 -17.49 13.81
C ASP A 295 16.81 -18.66 14.72
N ASP A 296 17.89 -18.55 15.49
CA ASP A 296 18.08 -19.46 16.61
C ASP A 296 17.86 -18.67 17.89
N SER A 297 16.67 -18.83 18.45
CA SER A 297 16.19 -18.03 19.58
C SER A 297 16.94 -18.23 20.91
N SER A 298 17.71 -19.30 21.03
CA SER A 298 18.52 -19.53 22.23
C SER A 298 19.70 -18.53 22.33
N ALA A 299 19.94 -17.80 21.24
CA ALA A 299 20.93 -16.70 21.27
C ALA A 299 20.55 -15.50 22.18
N TYR A 300 19.27 -15.41 22.58
CA TYR A 300 18.77 -14.23 23.35
C TYR A 300 17.71 -14.50 24.44
N ARG A 301 17.42 -15.77 24.72
CA ARG A 301 16.52 -16.12 25.85
C ARG A 301 16.81 -17.52 26.38
N TRP A 309 6.13 -22.09 29.34
CA TRP A 309 5.03 -21.83 28.42
C TRP A 309 4.57 -23.07 27.68
N ASP A 310 5.54 -23.79 27.11
CA ASP A 310 5.26 -24.95 26.31
C ASP A 310 4.60 -26.07 27.11
N LYS A 311 5.01 -26.19 28.37
CA LYS A 311 4.61 -27.30 29.22
C LYS A 311 3.55 -26.91 30.25
N GLN A 312 3.43 -25.63 30.57
CA GLN A 312 2.53 -25.20 31.67
C GLN A 312 1.46 -24.18 31.31
N ASP A 313 1.59 -23.59 30.13
CA ASP A 313 0.58 -22.65 29.68
C ASP A 313 0.56 -22.59 28.15
N HIS A 314 -0.04 -23.60 27.55
CA HIS A 314 -0.17 -23.72 26.09
C HIS A 314 -1.64 -23.70 25.69
N PRO A 315 -2.02 -22.93 24.66
CA PRO A 315 -3.47 -22.86 24.27
C PRO A 315 -4.05 -24.24 23.90
N ILE A 316 -3.24 -25.10 23.29
CA ILE A 316 -3.75 -26.38 22.79
C ILE A 316 -4.03 -27.30 23.96
N SER A 317 -3.09 -27.36 24.89
N SER A 317 -3.10 -27.40 24.89
CA SER A 317 -3.23 -28.15 26.11
CA SER A 317 -3.32 -28.25 26.06
C SER A 317 -4.47 -27.76 26.91
C SER A 317 -4.53 -27.78 26.88
N ARG A 318 -4.68 -26.47 27.02
CA ARG A 318 -5.79 -25.92 27.80
C ARG A 318 -7.09 -26.32 27.12
N LEU A 319 -7.14 -26.18 25.80
CA LEU A 319 -8.35 -26.55 25.08
C LEU A 319 -8.60 -28.05 25.19
N ARG A 320 -7.54 -28.86 25.06
CA ARG A 320 -7.71 -30.30 25.23
C ARG A 320 -8.30 -30.69 26.63
N HIS A 321 -7.84 -30.04 27.69
CA HIS A 321 -8.42 -30.30 29.01
C HIS A 321 -9.90 -29.96 29.08
N TYR A 322 -10.29 -28.86 28.41
CA TYR A 322 -11.69 -28.49 28.35
C TYR A 322 -12.57 -29.57 27.67
N LEU A 323 -12.16 -30.03 26.49
CA LEU A 323 -12.89 -31.09 25.82
C LEU A 323 -13.08 -32.34 26.69
N LEU A 324 -12.02 -32.75 27.35
CA LEU A 324 -12.12 -33.89 28.23
C LEU A 324 -13.21 -33.68 29.30
N SER A 325 -13.28 -32.48 29.91
CA SER A 325 -14.23 -32.22 31.02
C SER A 325 -15.68 -32.32 30.55
N GLN A 326 -15.91 -32.08 29.26
CA GLN A 326 -17.32 -32.13 28.75
C GLN A 326 -17.61 -33.54 28.30
N GLY A 327 -16.54 -34.33 28.22
CA GLY A 327 -16.63 -35.69 27.67
C GLY A 327 -16.66 -35.70 26.16
N TRP A 328 -15.97 -34.72 25.56
CA TRP A 328 -16.02 -34.51 24.15
C TRP A 328 -14.76 -35.04 23.45
N TRP A 329 -13.84 -35.61 24.23
CA TRP A 329 -12.58 -36.10 23.61
C TRP A 329 -12.04 -37.13 24.55
N ASP A 330 -11.22 -38.03 24.03
CA ASP A 330 -10.56 -39.02 24.86
C ASP A 330 -9.25 -39.43 24.17
N GLU A 331 -8.47 -40.27 24.81
CA GLU A 331 -7.18 -40.74 24.29
C GLU A 331 -7.31 -41.42 22.95
N GLU A 332 -8.32 -42.26 22.79
CA GLU A 332 -8.50 -42.95 21.52
C GLU A 332 -8.71 -41.94 20.38
N GLN A 333 -9.63 -41.00 20.57
CA GLN A 333 -9.89 -39.96 19.58
C GLN A 333 -8.64 -39.15 19.31
N GLU A 334 -7.88 -38.85 20.36
CA GLU A 334 -6.68 -38.05 20.19
C GLU A 334 -5.67 -38.81 19.29
N LYS A 335 -5.53 -40.10 19.54
CA LYS A 335 -4.62 -40.92 18.73
C LYS A 335 -5.07 -41.02 17.26
N ALA A 336 -6.34 -41.29 17.04
CA ALA A 336 -6.87 -41.39 15.69
C ALA A 336 -6.71 -40.06 14.95
N TRP A 337 -6.87 -38.96 15.67
CA TRP A 337 -6.82 -37.64 14.98
C TRP A 337 -5.37 -37.29 14.68
N ARG A 338 -4.48 -37.60 15.62
CA ARG A 338 -3.06 -37.38 15.43
C ARG A 338 -2.59 -38.07 14.12
N LYS A 339 -3.05 -39.31 13.93
CA LYS A 339 -2.80 -40.09 12.74
C LYS A 339 -3.46 -39.54 11.48
N GLN A 340 -4.74 -39.20 11.57
CA GLN A 340 -5.47 -38.67 10.41
C GLN A 340 -4.89 -37.31 9.95
N SER A 341 -4.59 -36.44 10.91
CA SER A 341 -4.04 -35.13 10.57
C SER A 341 -2.61 -35.28 9.97
N ARG A 342 -1.81 -36.21 10.52
CA ARG A 342 -0.49 -36.49 9.92
C ARG A 342 -0.64 -36.94 8.48
N ARG A 343 -1.58 -37.84 8.24
CA ARG A 343 -1.80 -38.34 6.87
C ARG A 343 -2.23 -37.25 5.93
N LYS A 344 -3.22 -36.42 6.35
CA LYS A 344 -3.72 -35.30 5.54
C LYS A 344 -2.56 -34.35 5.20
N VAL A 345 -1.73 -34.04 6.20
CA VAL A 345 -0.65 -33.09 5.96
C VAL A 345 0.40 -33.70 5.02
N MET A 346 0.71 -34.97 5.25
CA MET A 346 1.72 -35.64 4.42
C MET A 346 1.26 -35.81 2.96
N GLU A 347 -0.04 -36.06 2.75
CA GLU A 347 -0.59 -36.13 1.39
C GLU A 347 -0.42 -34.79 0.62
N ALA A 348 -0.74 -33.68 1.30
CA ALA A 348 -0.66 -32.39 0.64
C ALA A 348 0.82 -32.11 0.38
N PHE A 349 1.66 -32.46 1.36
CA PHE A 349 3.11 -32.23 1.24
C PHE A 349 3.71 -32.92 0.01
N GLU A 350 3.42 -34.21 -0.12
CA GLU A 350 3.88 -34.99 -1.28
C GLU A 350 3.36 -34.45 -2.62
N GLN A 351 2.09 -34.09 -2.65
CA GLN A 351 1.54 -33.48 -3.86
C GLN A 351 2.28 -32.16 -4.16
N ALA A 352 2.49 -31.36 -3.11
CA ALA A 352 3.09 -30.01 -3.31
C ALA A 352 4.50 -30.17 -3.88
N GLU A 353 5.20 -31.20 -3.43
CA GLU A 353 6.57 -31.43 -3.91
C GLU A 353 6.64 -31.95 -5.33
N ARG A 354 5.60 -32.61 -5.77
CA ARG A 354 5.66 -33.17 -7.12
C ARG A 354 5.20 -32.15 -8.19
N LYS A 355 4.53 -31.08 -7.79
CA LYS A 355 4.10 -30.08 -8.76
C LYS A 355 5.25 -29.26 -9.32
N PRO A 356 5.17 -28.91 -10.60
CA PRO A 356 6.13 -28.00 -11.18
C PRO A 356 5.96 -26.56 -10.64
N LYS A 357 6.97 -25.73 -10.88
CA LYS A 357 6.85 -24.30 -10.57
C LYS A 357 6.17 -23.66 -11.79
N PRO A 358 5.71 -22.43 -11.67
CA PRO A 358 4.91 -21.80 -12.72
C PRO A 358 5.79 -21.38 -13.88
N ASN A 359 5.17 -21.15 -15.04
CA ASN A 359 5.91 -20.61 -16.17
C ASN A 359 6.70 -19.32 -15.82
N PRO A 360 7.99 -19.25 -16.15
CA PRO A 360 8.83 -18.06 -15.87
C PRO A 360 8.24 -16.78 -16.48
N ASN A 361 7.39 -16.94 -17.49
CA ASN A 361 6.60 -15.81 -18.05
C ASN A 361 5.81 -15.06 -17.01
N LEU A 362 5.35 -15.79 -15.99
CA LEU A 362 4.56 -15.17 -14.91
C LEU A 362 5.36 -14.19 -14.06
N LEU A 363 6.63 -14.06 -14.33
CA LEU A 363 7.48 -13.12 -13.68
C LEU A 363 7.06 -11.69 -14.04
N PHE A 364 6.46 -11.55 -15.24
CA PHE A 364 6.12 -10.25 -15.84
C PHE A 364 4.67 -9.78 -15.73
N SER A 365 3.71 -10.69 -15.46
CA SER A 365 2.31 -10.28 -15.47
C SER A 365 1.93 -9.70 -14.09
N ASP A 366 0.85 -8.89 -14.05
CA ASP A 366 0.25 -8.32 -12.83
C ASP A 366 1.10 -7.22 -12.20
N VAL A 367 2.19 -6.83 -12.85
CA VAL A 367 2.96 -5.67 -12.35
C VAL A 367 2.01 -4.48 -12.45
N TYR A 368 1.42 -4.31 -13.65
CA TYR A 368 0.24 -3.44 -13.85
C TYR A 368 -0.87 -4.41 -14.20
N GLN A 369 -2.11 -3.94 -14.22
CA GLN A 369 -3.18 -4.87 -14.64
C GLN A 369 -2.84 -5.38 -16.07
N GLU A 370 -2.61 -4.44 -16.99
CA GLU A 370 -2.25 -4.75 -18.36
C GLU A 370 -0.74 -4.90 -18.36
N MET A 371 -0.13 -5.36 -19.45
CA MET A 371 1.32 -5.38 -19.53
C MET A 371 1.77 -4.24 -20.46
N PRO A 372 2.48 -3.25 -19.93
CA PRO A 372 3.03 -2.18 -20.75
C PRO A 372 3.93 -2.73 -21.87
N ALA A 373 3.95 -2.07 -23.02
CA ALA A 373 4.68 -2.59 -24.18
C ALA A 373 6.17 -2.78 -23.79
N GLN A 374 6.71 -1.86 -23.02
CA GLN A 374 8.12 -1.96 -22.66
C GLN A 374 8.37 -3.14 -21.74
N LEU A 375 7.38 -3.51 -20.92
CA LEU A 375 7.51 -4.70 -20.08
C LEU A 375 7.42 -5.98 -20.91
N ARG A 376 6.53 -5.99 -21.91
CA ARG A 376 6.42 -7.12 -22.86
C ARG A 376 7.75 -7.32 -23.60
N LYS A 377 8.40 -6.21 -23.93
CA LYS A 377 9.72 -6.27 -24.54
C LYS A 377 10.70 -7.06 -23.67
N GLN A 378 10.66 -6.81 -22.36
CA GLN A 378 11.55 -7.51 -21.42
C GLN A 378 11.21 -8.98 -21.33
N GLN A 379 9.91 -9.28 -21.32
CA GLN A 379 9.45 -10.67 -21.38
C GLN A 379 9.95 -11.35 -22.65
N GLU A 380 9.84 -10.68 -23.79
CA GLU A 380 10.37 -11.25 -25.04
C GLU A 380 11.88 -11.49 -25.00
N SER A 381 12.58 -10.57 -24.35
CA SER A 381 14.01 -10.66 -24.20
C SER A 381 14.40 -11.92 -23.41
N LEU A 382 13.66 -12.19 -22.35
CA LEU A 382 13.91 -13.40 -21.57
C LEU A 382 13.65 -14.65 -22.39
N ALA A 383 12.53 -14.68 -23.14
CA ALA A 383 12.19 -15.83 -23.99
C ALA A 383 13.31 -16.09 -24.99
N ARG A 384 13.77 -15.05 -25.68
CA ARG A 384 14.93 -15.22 -26.57
C ARG A 384 16.18 -15.72 -25.85
N HIS A 385 16.44 -15.13 -24.69
CA HIS A 385 17.60 -15.54 -23.90
C HIS A 385 17.57 -17.02 -23.58
N LEU A 386 16.39 -17.51 -23.16
CA LEU A 386 16.28 -18.89 -22.72
C LEU A 386 16.37 -19.85 -23.90
N GLN A 387 15.97 -19.41 -25.08
CA GLN A 387 16.13 -20.24 -26.27
C GLN A 387 17.59 -20.54 -26.54
N THR A 388 18.44 -19.56 -26.31
CA THR A 388 19.87 -19.69 -26.58
C THR A 388 20.64 -20.29 -25.40
N TYR A 389 20.32 -19.84 -24.19
CA TYR A 389 21.13 -20.15 -23.02
C TYR A 389 20.40 -21.06 -22.03
N GLY A 390 19.27 -21.64 -22.47
CA GLY A 390 18.37 -22.40 -21.57
C GLY A 390 19.02 -23.51 -20.76
N GLU A 391 20.06 -24.15 -21.29
CA GLU A 391 20.73 -25.22 -20.54
C GLU A 391 21.27 -24.76 -19.19
N HIS A 392 21.50 -23.46 -19.05
CA HIS A 392 22.10 -22.88 -17.85
C HIS A 392 21.09 -22.50 -16.78
N TYR A 393 19.82 -22.81 -17.04
CA TYR A 393 18.72 -22.44 -16.14
C TYR A 393 17.97 -23.67 -15.65
N PRO A 394 17.35 -23.60 -14.48
CA PRO A 394 16.59 -24.76 -13.98
C PRO A 394 15.25 -25.01 -14.71
N LEU A 395 15.24 -25.05 -16.02
CA LEU A 395 14.02 -25.10 -16.81
C LEU A 395 13.12 -26.35 -16.59
N ASP A 396 13.72 -27.47 -16.22
CA ASP A 396 12.99 -28.74 -16.19
C ASP A 396 12.04 -28.82 -15.00
N HIS A 397 12.16 -27.84 -14.12
CA HIS A 397 11.38 -27.68 -12.93
C HIS A 397 10.15 -26.77 -13.13
N PHE A 398 10.16 -26.00 -14.23
CA PHE A 398 9.19 -24.93 -14.40
C PHE A 398 8.22 -25.31 -15.50
N ASP A 399 6.96 -24.96 -15.30
CA ASP A 399 5.92 -25.29 -16.27
C ASP A 399 6.27 -24.66 -17.62
N LYS A 400 5.81 -25.34 -18.67
CA LYS A 400 5.83 -24.92 -20.06
C LYS A 400 7.26 -24.82 -20.58
N ALA B 2 7.46 36.40 -14.24
CA ALA B 2 7.22 34.94 -14.54
C ALA B 2 8.27 34.33 -15.50
N HIS B 3 8.78 33.15 -15.15
CA HIS B 3 9.76 32.49 -15.98
C HIS B 3 9.14 31.78 -17.18
N PHE B 4 7.81 31.91 -17.34
CA PHE B 4 7.13 31.19 -18.40
C PHE B 4 5.91 31.99 -18.81
N THR B 5 5.41 31.73 -20.01
CA THR B 5 4.14 32.28 -20.44
C THR B 5 3.23 31.16 -20.94
N PHE B 6 2.03 31.07 -20.35
CA PHE B 6 1.03 30.11 -20.81
C PHE B 6 0.33 30.65 -22.07
N GLN B 7 0.12 29.79 -23.06
CA GLN B 7 -0.53 30.19 -24.31
C GLN B 7 -1.97 29.66 -24.41
N GLU B 14 -15.33 19.25 -30.94
CA GLU B 14 -14.65 18.08 -30.41
C GLU B 14 -15.47 17.49 -29.25
N TYR B 15 -15.48 18.20 -28.12
CA TYR B 15 -15.93 17.64 -26.85
C TYR B 15 -17.15 18.28 -26.16
N GLY B 16 -18.01 18.94 -26.94
CA GLY B 16 -19.19 19.58 -26.37
C GLY B 16 -18.85 20.96 -25.82
N GLN B 17 -19.75 21.51 -25.01
CA GLN B 17 -19.62 22.83 -24.51
C GLN B 17 -18.37 22.96 -23.64
N THR B 18 -17.71 24.12 -23.73
CA THR B 18 -16.53 24.38 -22.92
C THR B 18 -16.69 25.70 -22.16
N GLN B 19 -15.88 25.83 -21.12
CA GLN B 19 -15.79 27.04 -20.37
C GLN B 19 -14.37 27.36 -20.11
N LYS B 20 -14.06 28.64 -20.02
CA LYS B 20 -12.73 29.06 -19.57
C LYS B 20 -12.51 28.52 -18.14
N MET B 21 -11.39 27.83 -17.95
CA MET B 21 -11.03 27.29 -16.63
C MET B 21 -9.54 27.47 -16.43
N ASN B 22 -9.14 27.87 -15.22
CA ASN B 22 -7.71 27.82 -14.84
C ASN B 22 -7.38 26.38 -14.40
N LEU B 23 -6.12 26.08 -14.08
CA LEU B 23 -5.80 24.68 -13.73
C LEU B 23 -6.54 24.18 -12.47
N PHE B 24 -6.67 24.99 -11.41
CA PHE B 24 -7.38 24.45 -10.23
C PHE B 24 -8.83 24.14 -10.52
N GLN B 25 -9.44 25.01 -11.33
CA GLN B 25 -10.84 24.79 -11.67
C GLN B 25 -11.01 23.52 -12.52
N SER B 26 -10.05 23.25 -13.41
CA SER B 26 -10.15 22.06 -14.27
C SER B 26 -10.02 20.79 -13.41
N VAL B 27 -9.20 20.87 -12.37
CA VAL B 27 -9.09 19.76 -11.39
C VAL B 27 -10.45 19.57 -10.71
N THR B 28 -11.07 20.65 -10.26
CA THR B 28 -12.36 20.52 -9.59
C THR B 28 -13.38 19.92 -10.54
N SER B 29 -13.33 20.31 -11.82
CA SER B 29 -14.28 19.84 -12.81
C SER B 29 -14.10 18.32 -12.98
N ALA B 30 -12.84 17.87 -13.09
CA ALA B 30 -12.54 16.43 -13.19
C ALA B 30 -13.09 15.66 -11.98
N LEU B 31 -12.84 16.22 -10.80
CA LEU B 31 -13.26 15.57 -9.56
C LEU B 31 -14.81 15.50 -9.51
N ASP B 32 -15.45 16.62 -9.87
CA ASP B 32 -16.91 16.71 -9.85
C ASP B 32 -17.48 15.66 -10.82
N ASN B 33 -16.98 15.67 -12.05
CA ASN B 33 -17.39 14.64 -13.06
C ASN B 33 -17.21 13.20 -12.49
N SER B 34 -16.08 12.95 -11.79
CA SER B 34 -15.79 11.63 -11.23
C SER B 34 -16.76 11.23 -10.16
N LEU B 35 -17.01 12.13 -9.22
CA LEU B 35 -17.95 11.78 -8.15
C LEU B 35 -19.39 11.61 -8.63
N ALA B 36 -19.75 12.37 -9.68
CA ALA B 36 -21.11 12.32 -10.23
C ALA B 36 -21.35 10.95 -10.86
N LYS B 37 -20.33 10.40 -11.51
CA LYS B 37 -20.55 9.18 -12.26
C LYS B 37 -20.14 7.88 -11.56
N ASP B 38 -19.46 8.02 -10.43
CA ASP B 38 -18.95 6.88 -9.70
C ASP B 38 -19.35 7.05 -8.22
N PRO B 39 -20.44 6.42 -7.82
CA PRO B 39 -20.97 6.55 -6.45
C PRO B 39 -20.01 6.05 -5.35
N THR B 40 -19.03 5.23 -5.71
CA THR B 40 -18.04 4.75 -4.73
C THR B 40 -16.93 5.77 -4.44
N ALA B 41 -16.77 6.76 -5.30
CA ALA B 41 -15.57 7.61 -5.25
C ALA B 41 -15.61 8.52 -4.02
N VAL B 42 -14.46 8.65 -3.35
CA VAL B 42 -14.33 9.59 -2.27
C VAL B 42 -13.02 10.34 -2.43
N ILE B 43 -12.97 11.55 -1.84
CA ILE B 43 -11.77 12.43 -1.87
C ILE B 43 -11.42 12.78 -0.44
N PHE B 44 -10.16 12.67 -0.08
CA PHE B 44 -9.78 12.91 1.33
C PHE B 44 -8.33 13.34 1.39
N GLY B 45 -7.97 14.01 2.48
CA GLY B 45 -6.60 14.41 2.74
C GLY B 45 -6.67 15.59 3.68
N GLU B 46 -5.55 16.29 3.82
CA GLU B 46 -5.48 17.45 4.70
C GLU B 46 -6.21 18.68 4.10
N ASP B 47 -7.16 19.17 4.87
CA ASP B 47 -7.88 20.43 4.52
C ASP B 47 -8.64 20.38 3.22
N VAL B 48 -9.07 19.18 2.82
CA VAL B 48 -9.80 19.15 1.57
C VAL B 48 -11.27 19.58 1.77
N ALA B 49 -11.79 19.47 2.98
CA ALA B 49 -13.22 19.68 3.20
C ALA B 49 -13.65 21.12 2.87
N PHE B 50 -12.90 22.10 3.32
CA PHE B 50 -13.27 23.51 3.03
C PHE B 50 -12.90 23.96 1.62
N GLY B 51 -12.34 23.07 0.82
CA GLY B 51 -12.03 23.37 -0.60
C GLY B 51 -10.55 23.27 -0.95
N GLY B 52 -9.71 23.06 0.07
CA GLY B 52 -8.29 22.78 -0.17
C GLY B 52 -7.45 24.05 -0.16
N VAL B 53 -6.16 23.89 0.11
CA VAL B 53 -5.33 25.10 0.26
C VAL B 53 -5.07 25.76 -1.10
N PHE B 54 -5.31 25.03 -2.18
CA PHE B 54 -5.28 25.57 -3.55
C PHE B 54 -6.65 25.61 -4.25
N ARG B 55 -7.73 25.50 -3.47
CA ARG B 55 -9.11 25.59 -3.93
C ARG B 55 -9.55 24.48 -4.85
N CYS B 56 -8.76 23.42 -4.99
CA CYS B 56 -9.09 22.35 -5.90
C CYS B 56 -10.37 21.57 -5.56
N THR B 57 -10.81 21.64 -4.31
CA THR B 57 -12.03 20.85 -3.94
C THR B 57 -13.21 21.71 -3.52
N VAL B 58 -13.20 22.99 -3.90
CA VAL B 58 -14.28 23.90 -3.48
C VAL B 58 -15.60 23.43 -4.00
N GLY B 59 -16.58 23.35 -3.09
CA GLY B 59 -17.96 23.02 -3.45
C GLY B 59 -18.28 21.52 -3.47
N LEU B 60 -17.25 20.68 -3.41
CA LEU B 60 -17.49 19.26 -3.61
C LEU B 60 -18.15 18.61 -2.39
N ARG B 61 -17.73 19.02 -1.17
CA ARG B 61 -18.36 18.46 0.02
C ARG B 61 -19.84 18.83 0.11
N ASP B 62 -20.14 20.09 -0.22
CA ASP B 62 -21.55 20.54 -0.29
C ASP B 62 -22.35 19.73 -1.26
N LYS B 63 -21.78 19.46 -2.44
CA LYS B 63 -22.50 18.73 -3.48
C LYS B 63 -22.67 17.23 -3.19
N TYR B 64 -21.62 16.60 -2.69
CA TYR B 64 -21.57 15.16 -2.58
C TYR B 64 -21.66 14.57 -1.18
N GLY B 65 -21.41 15.40 -0.19
CA GLY B 65 -21.63 14.97 1.19
C GLY B 65 -20.33 14.78 1.99
N LYS B 66 -20.46 14.94 3.29
CA LYS B 66 -19.27 14.86 4.14
C LYS B 66 -18.66 13.46 4.20
N ASP B 67 -19.43 12.40 3.89
N ASP B 67 -19.43 12.41 3.86
CA ASP B 67 -18.83 11.04 3.85
CA ASP B 67 -18.85 11.06 3.84
C ASP B 67 -17.96 10.79 2.62
C ASP B 67 -17.97 10.79 2.63
N ARG B 68 -18.07 11.65 1.61
CA ARG B 68 -17.34 11.49 0.35
C ARG B 68 -16.25 12.51 0.12
N VAL B 69 -16.27 13.64 0.84
CA VAL B 69 -15.22 14.63 0.67
C VAL B 69 -14.86 15.07 2.07
N PHE B 70 -13.71 14.59 2.55
CA PHE B 70 -13.44 14.76 4.01
C PHE B 70 -11.99 14.95 4.36
N ASN B 71 -11.75 15.53 5.55
CA ASN B 71 -10.41 15.80 6.08
C ASN B 71 -9.96 14.57 6.84
N THR B 72 -8.69 14.26 6.69
CA THR B 72 -8.00 13.27 7.50
C THR B 72 -7.15 13.99 8.55
N PRO B 73 -6.71 13.23 9.55
CA PRO B 73 -5.64 13.75 10.43
C PRO B 73 -4.38 13.96 9.61
N LEU B 74 -3.46 14.69 10.20
CA LEU B 74 -2.27 15.18 9.52
C LEU B 74 -1.15 14.12 9.47
N CYS B 75 -1.25 13.22 8.51
CA CYS B 75 -0.36 12.03 8.50
C CYS B 75 -0.35 11.39 7.12
N GLU B 76 0.70 11.69 6.33
CA GLU B 76 0.69 11.27 4.94
C GLU B 76 0.80 9.77 4.81
N GLN B 77 1.53 9.14 5.72
CA GLN B 77 1.62 7.68 5.60
C GLN B 77 0.23 7.10 5.85
N GLY B 78 -0.53 7.73 6.76
CA GLY B 78 -1.91 7.30 7.02
C GLY B 78 -2.80 7.55 5.80
N ILE B 79 -2.64 8.73 5.18
CA ILE B 79 -3.44 9.08 4.00
C ILE B 79 -3.31 8.01 2.89
N VAL B 80 -2.09 7.65 2.57
CA VAL B 80 -1.89 6.70 1.47
C VAL B 80 -2.32 5.28 1.87
N GLY B 81 -1.96 4.86 3.08
CA GLY B 81 -2.37 3.49 3.54
C GLY B 81 -3.90 3.38 3.55
N PHE B 82 -4.54 4.40 4.12
CA PHE B 82 -6.03 4.55 4.09
C PHE B 82 -6.56 4.46 2.64
N GLY B 83 -6.00 5.22 1.71
CA GLY B 83 -6.52 5.15 0.34
C GLY B 83 -6.31 3.79 -0.28
N ILE B 84 -5.13 3.19 -0.04
CA ILE B 84 -4.94 1.79 -0.51
C ILE B 84 -6.06 0.87 -0.01
N GLY B 85 -6.36 0.94 1.30
CA GLY B 85 -7.40 0.06 1.86
C GLY B 85 -8.77 0.33 1.25
N ILE B 86 -9.15 1.59 1.08
CA ILE B 86 -10.41 1.83 0.29
C ILE B 86 -10.39 1.14 -1.10
N ALA B 87 -9.26 1.29 -1.83
CA ALA B 87 -9.14 0.76 -3.19
C ALA B 87 -9.14 -0.78 -3.22
N VAL B 88 -8.60 -1.39 -2.16
CA VAL B 88 -8.71 -2.86 -2.01
C VAL B 88 -10.15 -3.39 -2.05
N THR B 89 -11.09 -2.61 -1.52
CA THR B 89 -12.49 -3.01 -1.58
C THR B 89 -13.14 -2.74 -2.97
N GLY B 90 -12.44 -2.05 -3.86
CA GLY B 90 -12.99 -1.81 -5.17
C GLY B 90 -13.49 -0.38 -5.31
N ALA B 91 -13.50 0.36 -4.19
CA ALA B 91 -13.99 1.75 -4.21
C ALA B 91 -12.94 2.74 -4.74
N THR B 92 -13.38 3.77 -5.46
CA THR B 92 -12.44 4.76 -6.03
C THR B 92 -11.95 5.68 -4.91
N ALA B 93 -10.63 5.77 -4.71
CA ALA B 93 -10.05 6.56 -3.62
C ALA B 93 -9.19 7.63 -4.21
N ILE B 94 -9.58 8.88 -3.97
CA ILE B 94 -8.79 9.97 -4.55
C ILE B 94 -8.14 10.72 -3.37
N ALA B 95 -6.87 10.39 -3.11
CA ALA B 95 -6.14 10.90 -1.95
C ALA B 95 -5.48 12.20 -2.34
N GLU B 96 -5.39 13.17 -1.43
CA GLU B 96 -4.58 14.35 -1.74
C GLU B 96 -3.41 14.40 -0.79
N ILE B 97 -2.25 14.79 -1.33
CA ILE B 97 -1.05 15.05 -0.56
C ILE B 97 -0.78 16.54 -0.75
N GLN B 98 -0.66 17.27 0.35
CA GLN B 98 -0.86 18.72 0.27
C GLN B 98 0.16 19.45 -0.64
N PHE B 99 1.41 19.01 -0.63
CA PHE B 99 2.49 19.44 -1.53
C PHE B 99 3.27 18.18 -1.84
N ALA B 100 3.83 18.08 -3.04
CA ALA B 100 4.59 16.88 -3.42
C ALA B 100 5.79 16.68 -2.46
N ASP B 101 6.29 17.77 -1.87
CA ASP B 101 7.44 17.72 -0.97
C ASP B 101 7.10 16.85 0.21
N TYR B 102 5.82 16.69 0.51
CA TYR B 102 5.40 15.98 1.74
C TYR B 102 4.87 14.62 1.39
N ILE B 103 5.20 14.16 0.20
CA ILE B 103 4.81 12.79 -0.16
C ILE B 103 5.73 11.73 0.46
N PHE B 104 6.95 12.16 0.88
CA PHE B 104 7.97 11.21 1.30
C PHE B 104 7.57 10.30 2.50
N PRO B 105 6.83 10.84 3.48
CA PRO B 105 6.43 9.97 4.60
C PRO B 105 5.59 8.83 4.09
N ALA B 106 4.95 9.01 2.93
CA ALA B 106 4.16 7.91 2.37
C ALA B 106 4.96 7.03 1.41
N PHE B 107 6.29 7.27 1.29
CA PHE B 107 7.05 6.59 0.24
C PHE B 107 6.96 5.06 0.39
N ASP B 108 7.03 4.55 1.63
CA ASP B 108 6.94 3.09 1.87
C ASP B 108 5.58 2.56 1.45
N GLN B 109 4.50 3.28 1.79
CA GLN B 109 3.15 2.80 1.40
C GLN B 109 3.03 2.84 -0.12
N ILE B 110 3.66 3.82 -0.74
CA ILE B 110 3.52 3.88 -2.23
C ILE B 110 4.39 2.76 -2.88
N VAL B 111 5.65 2.71 -2.54
CA VAL B 111 6.60 1.87 -3.26
C VAL B 111 6.51 0.40 -2.83
N ASN B 112 6.46 0.13 -1.54
CA ASN B 112 6.41 -1.26 -1.08
C ASN B 112 5.02 -1.85 -1.10
N GLU B 113 4.02 -0.98 -1.02
CA GLU B 113 2.65 -1.50 -0.92
C GLU B 113 1.83 -1.25 -2.20
N ALA B 114 1.46 0.00 -2.42
CA ALA B 114 0.59 0.27 -3.59
C ALA B 114 1.15 -0.34 -4.92
N ALA B 115 2.41 -0.09 -5.20
CA ALA B 115 3.03 -0.49 -6.49
C ALA B 115 3.05 -2.01 -6.62
N LYS B 116 3.18 -2.72 -5.50
CA LYS B 116 3.37 -4.17 -5.51
C LYS B 116 2.11 -5.01 -5.23
N TYR B 117 1.01 -4.33 -4.93
CA TYR B 117 -0.17 -4.97 -4.38
C TYR B 117 -0.76 -6.07 -5.30
N ARG B 118 -0.83 -5.75 -6.59
CA ARG B 118 -1.46 -6.68 -7.57
C ARG B 118 -0.47 -7.83 -7.85
N TYR B 119 0.80 -7.47 -8.06
CA TYR B 119 1.82 -8.47 -8.45
C TYR B 119 1.92 -9.53 -7.34
N ARG B 120 2.13 -9.06 -6.12
CA ARG B 120 2.46 -9.96 -5.03
C ARG B 120 1.31 -10.84 -4.59
N SER B 121 0.06 -10.52 -4.95
CA SER B 121 -1.07 -11.34 -4.59
C SER B 121 -1.53 -12.21 -5.75
N GLY B 122 -0.75 -12.21 -6.86
CA GLY B 122 -1.18 -12.89 -8.11
C GLY B 122 -2.54 -12.41 -8.65
N ASP B 123 -2.83 -11.14 -8.38
CA ASP B 123 -4.06 -10.46 -8.80
C ASP B 123 -5.28 -10.90 -8.02
N LEU B 124 -5.07 -11.51 -6.83
CA LEU B 124 -6.21 -11.79 -5.94
C LEU B 124 -6.70 -10.47 -5.31
N PHE B 125 -5.76 -9.54 -5.08
CA PHE B 125 -6.12 -8.22 -4.55
C PHE B 125 -5.40 -7.12 -5.33
N ASN B 126 -5.98 -5.91 -5.35
CA ASN B 126 -5.31 -4.80 -5.99
C ASN B 126 -5.76 -3.48 -5.38
N CYS B 127 -5.02 -2.43 -5.68
CA CYS B 127 -5.48 -1.09 -5.33
C CYS B 127 -5.53 -0.19 -6.57
N GLY B 128 -5.99 -0.76 -7.67
CA GLY B 128 -6.02 -0.05 -8.93
C GLY B 128 -6.87 1.22 -8.89
N SER B 129 -7.85 1.28 -7.98
CA SER B 129 -8.76 2.44 -7.98
C SER B 129 -8.24 3.56 -7.07
N LEU B 130 -7.00 3.46 -6.63
CA LEU B 130 -6.35 4.59 -5.99
C LEU B 130 -5.68 5.62 -6.98
N THR B 131 -5.90 6.90 -6.70
CA THR B 131 -5.18 7.98 -7.37
C THR B 131 -4.69 8.90 -6.24
N ILE B 132 -3.43 9.33 -6.33
CA ILE B 132 -2.92 10.28 -5.34
C ILE B 132 -2.67 11.57 -6.12
N ARG B 133 -3.30 12.69 -5.74
CA ARG B 133 -2.99 13.94 -6.46
C ARG B 133 -2.19 14.85 -5.53
N SER B 134 -1.29 15.67 -6.09
CA SER B 134 -0.44 16.51 -5.21
C SER B 134 0.11 17.70 -6.01
N PRO B 135 0.03 18.91 -5.47
CA PRO B 135 0.67 20.04 -6.11
C PRO B 135 2.18 19.79 -6.26
N TRP B 136 2.77 20.36 -7.30
CA TRP B 136 4.15 19.96 -7.66
C TRP B 136 4.88 21.13 -8.29
N GLY B 137 6.21 21.13 -8.18
CA GLY B 137 7.01 22.05 -9.00
C GLY B 137 7.18 23.42 -8.38
N CYS B 138 8.02 24.23 -9.01
CA CYS B 138 8.43 25.50 -8.41
C CYS B 138 7.26 26.52 -8.41
N VAL B 139 7.37 27.53 -7.56
CA VAL B 139 6.32 28.49 -7.40
C VAL B 139 6.85 29.89 -7.12
N GLY B 140 8.15 30.10 -7.33
CA GLY B 140 8.75 31.44 -7.28
C GLY B 140 9.42 31.69 -5.94
N HIS B 141 8.87 31.12 -4.87
CA HIS B 141 9.38 31.43 -3.53
C HIS B 141 9.12 30.27 -2.58
N GLY B 142 8.80 29.08 -3.12
CA GLY B 142 8.48 27.90 -2.27
C GLY B 142 9.67 27.34 -1.46
N ALA B 143 10.89 27.62 -1.89
CA ALA B 143 12.13 27.17 -1.24
C ALA B 143 12.16 25.65 -1.14
N LEU B 144 12.70 25.09 -0.07
CA LEU B 144 13.12 23.67 -0.15
C LEU B 144 11.90 22.72 -0.14
N TYR B 145 10.79 23.15 0.46
CA TYR B 145 9.71 22.16 0.81
C TYR B 145 8.35 22.54 0.27
N HIS B 146 8.29 23.57 -0.56
N HIS B 146 8.30 23.53 -0.60
CA HIS B 146 7.07 23.88 -1.32
CA HIS B 146 7.05 23.81 -1.32
C HIS B 146 7.39 24.07 -2.80
C HIS B 146 7.30 23.92 -2.82
N SER B 147 8.46 23.43 -3.24
CA SER B 147 8.94 23.55 -4.63
C SER B 147 9.23 22.25 -5.39
N GLN B 148 9.26 21.12 -4.69
CA GLN B 148 9.95 19.93 -5.23
C GLN B 148 9.20 19.27 -6.40
N SER B 149 9.99 18.56 -7.23
CA SER B 149 9.48 17.76 -8.33
C SER B 149 9.97 16.31 -8.14
N PRO B 150 9.25 15.48 -7.41
CA PRO B 150 9.78 14.18 -7.04
C PRO B 150 9.56 13.05 -8.05
N GLU B 151 9.25 13.36 -9.31
CA GLU B 151 8.82 12.27 -10.20
C GLU B 151 9.92 11.21 -10.44
N ALA B 152 11.20 11.58 -10.42
CA ALA B 152 12.25 10.58 -10.70
C ALA B 152 12.33 9.57 -9.55
N PHE B 153 11.98 9.97 -8.32
CA PHE B 153 12.01 8.98 -7.23
C PHE B 153 11.02 7.86 -7.57
N PHE B 154 9.82 8.27 -8.03
CA PHE B 154 8.75 7.29 -8.33
C PHE B 154 9.00 6.55 -9.61
N ALA B 155 9.79 7.13 -10.53
CA ALA B 155 9.98 6.46 -11.86
C ALA B 155 10.71 5.13 -11.70
N HIS B 156 11.41 4.93 -10.58
CA HIS B 156 12.14 3.67 -10.41
C HIS B 156 11.28 2.62 -9.70
N CYS B 157 9.97 2.82 -9.68
CA CYS B 157 9.07 1.89 -9.00
C CYS B 157 8.03 1.22 -9.91
N PRO B 158 8.32 0.02 -10.45
CA PRO B 158 7.35 -0.72 -11.27
C PRO B 158 6.03 -0.88 -10.53
N GLY B 159 4.91 -0.59 -11.20
CA GLY B 159 3.64 -0.91 -10.60
C GLY B 159 2.82 0.35 -10.32
N ILE B 160 3.46 1.54 -10.39
CA ILE B 160 2.66 2.76 -10.32
C ILE B 160 2.73 3.52 -11.61
N LYS B 161 1.77 4.43 -11.80
CA LYS B 161 1.87 5.33 -12.95
C LYS B 161 2.06 6.76 -12.40
N VAL B 162 2.79 7.56 -13.17
CA VAL B 162 3.13 8.91 -12.71
C VAL B 162 2.83 9.86 -13.88
N VAL B 163 1.97 10.85 -13.62
CA VAL B 163 1.36 11.66 -14.75
C VAL B 163 1.41 13.14 -14.36
N ILE B 164 1.81 14.01 -15.30
CA ILE B 164 2.00 15.44 -14.99
C ILE B 164 1.46 16.22 -16.19
N PRO B 165 0.40 17.02 -16.02
CA PRO B 165 -0.21 17.78 -17.11
C PRO B 165 0.46 19.17 -17.28
N ARG B 166 0.23 19.83 -18.42
CA ARG B 166 0.87 21.10 -18.66
C ARG B 166 -0.13 22.27 -18.70
N SER B 167 -1.43 21.97 -18.67
CA SER B 167 -2.48 23.00 -18.88
C SER B 167 -3.82 22.53 -18.27
N PRO B 168 -4.82 23.43 -18.18
CA PRO B 168 -6.18 23.07 -17.69
C PRO B 168 -6.86 21.98 -18.54
N PHE B 169 -6.84 22.13 -19.84
CA PHE B 169 -7.44 21.09 -20.69
C PHE B 169 -6.77 19.74 -20.51
N GLN B 170 -5.43 19.74 -20.50
CA GLN B 170 -4.67 18.50 -20.33
C GLN B 170 -4.90 17.93 -18.93
N ALA B 171 -4.94 18.80 -17.91
CA ALA B 171 -5.11 18.35 -16.53
C ALA B 171 -6.42 17.60 -16.34
N LYS B 172 -7.53 18.13 -16.84
CA LYS B 172 -8.81 17.46 -16.60
C LYS B 172 -8.86 16.10 -17.32
N GLY B 173 -8.39 16.01 -18.56
CA GLY B 173 -8.45 14.76 -19.35
C GLY B 173 -7.48 13.73 -18.78
N LEU B 174 -6.29 14.17 -18.34
CA LEU B 174 -5.32 13.22 -17.73
C LEU B 174 -5.76 12.77 -16.34
N LEU B 175 -6.36 13.67 -15.56
CA LEU B 175 -6.78 13.30 -14.18
C LEU B 175 -7.91 12.27 -14.31
N LEU B 176 -8.86 12.52 -15.20
CA LEU B 176 -9.95 11.55 -15.38
C LEU B 176 -9.39 10.19 -15.82
N SER B 177 -8.41 10.18 -16.71
CA SER B 177 -7.76 8.91 -17.06
C SER B 177 -7.09 8.22 -15.87
N CYS B 178 -6.36 9.00 -15.06
CA CYS B 178 -5.74 8.42 -13.85
C CYS B 178 -6.81 7.80 -12.93
N ILE B 179 -7.91 8.53 -12.71
CA ILE B 179 -8.94 8.13 -11.75
C ILE B 179 -9.55 6.80 -12.22
N GLU B 180 -9.72 6.67 -13.53
CA GLU B 180 -10.37 5.50 -14.09
C GLU B 180 -9.40 4.35 -14.43
N ASP B 181 -8.10 4.61 -14.39
CA ASP B 181 -7.07 3.62 -14.81
C ASP B 181 -7.05 2.58 -13.73
N LYS B 182 -6.81 1.32 -14.11
CA LYS B 182 -6.88 0.18 -13.16
C LYS B 182 -5.52 -0.07 -12.46
N ASN B 183 -4.75 1.00 -12.24
CA ASN B 183 -3.47 0.90 -11.57
C ASN B 183 -3.36 2.12 -10.65
N PRO B 184 -2.64 1.98 -9.54
CA PRO B 184 -2.43 3.18 -8.66
C PRO B 184 -1.63 4.25 -9.42
N CYS B 185 -2.14 5.48 -9.40
CA CYS B 185 -1.58 6.61 -10.18
C CYS B 185 -1.22 7.76 -9.26
N ILE B 186 -0.11 8.43 -9.55
CA ILE B 186 0.23 9.69 -8.86
C ILE B 186 0.07 10.77 -9.95
N PHE B 187 -0.76 11.76 -9.64
CA PHE B 187 -1.04 12.85 -10.57
C PHE B 187 -0.45 14.12 -9.92
N PHE B 188 0.63 14.61 -10.51
CA PHE B 188 1.26 15.83 -10.02
C PHE B 188 0.76 17.09 -10.75
N GLU B 189 0.19 18.04 -9.99
CA GLU B 189 -0.41 19.27 -10.53
C GLU B 189 0.55 20.45 -10.39
N PRO B 190 1.03 21.04 -11.51
CA PRO B 190 2.04 22.12 -11.39
C PRO B 190 1.40 23.34 -10.77
N LYS B 191 1.75 23.60 -9.51
CA LYS B 191 1.03 24.58 -8.70
C LYS B 191 1.18 26.01 -9.22
N ILE B 192 2.29 26.32 -9.89
N ILE B 192 2.29 26.29 -9.92
CA ILE B 192 2.43 27.69 -10.44
CA ILE B 192 2.51 27.63 -10.52
C ILE B 192 1.31 28.00 -11.45
C ILE B 192 1.49 27.96 -11.62
N LEU B 193 0.76 26.93 -12.04
CA LEU B 193 -0.24 27.05 -13.10
C LEU B 193 -1.63 27.11 -12.55
N TYR B 194 -1.81 26.83 -11.24
CA TYR B 194 -3.18 26.76 -10.70
C TYR B 194 -4.04 27.97 -11.10
N ARG B 195 -3.50 29.17 -10.96
CA ARG B 195 -4.26 30.35 -11.39
C ARG B 195 -3.78 30.93 -12.72
N ALA B 196 -2.51 30.71 -13.04
CA ALA B 196 -1.91 31.42 -14.18
C ALA B 196 -2.43 30.89 -15.50
N ALA B 197 -2.44 29.58 -15.64
CA ALA B 197 -2.86 28.99 -16.91
C ALA B 197 -4.39 28.88 -16.90
N ALA B 198 -5.06 29.46 -17.92
CA ALA B 198 -6.55 29.40 -18.16
C ALA B 198 -6.98 29.24 -19.64
N GLU B 199 -7.84 28.30 -19.97
CA GLU B 199 -8.24 28.09 -21.37
C GLU B 199 -9.55 27.36 -21.39
N GLU B 200 -10.09 27.14 -22.59
CA GLU B 200 -11.31 26.40 -22.70
C GLU B 200 -11.16 24.96 -22.27
N VAL B 201 -12.10 24.49 -21.44
CA VAL B 201 -12.14 23.11 -20.96
C VAL B 201 -13.56 22.57 -21.04
N PRO B 202 -13.74 21.40 -21.68
CA PRO B 202 -15.05 20.78 -21.77
C PRO B 202 -15.64 20.58 -20.37
N ILE B 203 -16.93 20.91 -20.27
CA ILE B 203 -17.70 20.79 -19.05
C ILE B 203 -17.93 19.33 -18.72
N GLU B 204 -18.16 18.52 -19.74
CA GLU B 204 -18.42 17.12 -19.53
C GLU B 204 -17.12 16.33 -19.57
N PRO B 205 -17.13 15.12 -19.02
CA PRO B 205 -15.88 14.36 -18.92
C PRO B 205 -15.36 13.85 -20.27
N TYR B 206 -14.03 13.73 -20.35
CA TYR B 206 -13.35 13.24 -21.55
C TYR B 206 -12.04 12.71 -21.02
N ASN B 207 -11.31 11.96 -21.84
CA ASN B 207 -10.07 11.31 -21.34
C ASN B 207 -8.91 11.65 -22.27
N ILE B 208 -7.71 11.79 -21.73
CA ILE B 208 -6.51 11.85 -22.53
C ILE B 208 -5.74 10.58 -22.16
N PRO B 209 -5.22 9.83 -23.12
CA PRO B 209 -4.54 8.56 -22.80
C PRO B 209 -3.26 8.74 -21.98
N LEU B 210 -3.02 7.80 -21.08
CA LEU B 210 -1.80 7.73 -20.30
C LEU B 210 -0.75 7.06 -21.17
N SER B 211 0.53 7.24 -20.81
CA SER B 211 1.71 6.68 -21.52
C SER B 211 1.76 7.12 -22.98
N GLN B 212 1.33 8.34 -23.24
CA GLN B 212 1.31 8.89 -24.60
C GLN B 212 1.80 10.32 -24.51
N ALA B 213 2.91 10.59 -25.21
CA ALA B 213 3.48 11.94 -25.26
C ALA B 213 2.67 12.75 -26.30
N GLU B 214 2.75 14.06 -26.26
CA GLU B 214 2.06 14.85 -27.28
C GLU B 214 3.08 15.76 -27.97
N VAL B 215 3.22 15.65 -29.30
CA VAL B 215 4.04 16.58 -30.08
C VAL B 215 3.18 17.81 -30.24
N ILE B 216 3.56 18.89 -29.58
CA ILE B 216 2.70 20.08 -29.67
C ILE B 216 3.16 21.02 -30.76
N GLN B 217 4.35 20.81 -31.31
CA GLN B 217 4.83 21.62 -32.44
C GLN B 217 5.77 20.75 -33.23
N GLU B 218 5.50 20.58 -34.52
CA GLU B 218 6.38 19.80 -35.40
C GLU B 218 7.63 20.59 -35.80
N GLY B 219 8.76 19.90 -35.83
CA GLY B 219 10.02 20.55 -36.23
C GLY B 219 10.96 19.54 -36.83
N SER B 220 12.04 20.01 -37.46
CA SER B 220 12.88 19.05 -38.15
C SER B 220 14.34 19.04 -37.74
N ASP B 221 14.78 20.00 -36.93
CA ASP B 221 16.21 20.13 -36.61
C ASP B 221 16.60 19.57 -35.23
N VAL B 222 15.72 19.71 -34.26
CA VAL B 222 16.01 19.21 -32.92
C VAL B 222 14.69 18.84 -32.24
N THR B 223 14.77 17.85 -31.35
CA THR B 223 13.66 17.45 -30.52
C THR B 223 13.85 18.01 -29.07
N LEU B 224 12.83 18.66 -28.53
CA LEU B 224 12.87 19.21 -27.16
C LEU B 224 11.77 18.51 -26.40
N VAL B 225 12.11 17.98 -25.22
CA VAL B 225 11.14 17.22 -24.43
C VAL B 225 11.09 17.78 -23.02
N ALA B 226 9.89 17.98 -22.50
CA ALA B 226 9.72 18.42 -21.12
C ALA B 226 8.34 17.99 -20.67
N TRP B 227 7.94 18.40 -19.45
CA TRP B 227 6.61 18.04 -18.92
C TRP B 227 6.23 19.13 -17.89
N GLY B 228 4.97 19.23 -17.52
CA GLY B 228 4.53 20.32 -16.64
C GLY B 228 4.81 21.71 -17.22
N THR B 229 5.07 22.66 -16.32
CA THR B 229 5.35 24.05 -16.69
C THR B 229 6.49 24.15 -17.67
N GLN B 230 7.47 23.26 -17.55
CA GLN B 230 8.64 23.32 -18.41
C GLN B 230 8.32 23.15 -19.91
N VAL B 231 7.18 22.57 -20.25
CA VAL B 231 6.73 22.55 -21.64
C VAL B 231 6.58 23.96 -22.15
N HIS B 232 6.09 24.88 -21.30
CA HIS B 232 5.90 26.24 -21.80
C HIS B 232 7.26 26.91 -22.01
N VAL B 233 8.23 26.52 -21.18
CA VAL B 233 9.58 27.06 -21.29
C VAL B 233 10.16 26.61 -22.62
N ILE B 234 10.07 25.32 -22.91
CA ILE B 234 10.63 24.86 -24.19
C ILE B 234 9.87 25.33 -25.43
N ARG B 235 8.56 25.53 -25.28
CA ARG B 235 7.82 26.13 -26.41
C ARG B 235 8.43 27.50 -26.74
N GLU B 236 8.68 28.30 -25.72
N GLU B 236 8.69 28.30 -25.73
CA GLU B 236 9.31 29.59 -25.90
CA GLU B 236 9.31 29.62 -25.91
C GLU B 236 10.72 29.45 -26.49
C GLU B 236 10.74 29.49 -26.46
N VAL B 237 11.48 28.47 -26.01
CA VAL B 237 12.82 28.20 -26.51
C VAL B 237 12.80 27.89 -28.02
N ALA B 238 11.81 27.11 -28.46
CA ALA B 238 11.59 26.80 -29.87
C ALA B 238 11.40 28.10 -30.66
N SER B 239 10.66 29.05 -30.08
CA SER B 239 10.41 30.31 -30.75
C SER B 239 11.71 31.13 -30.84
N MET B 240 12.46 31.15 -29.74
CA MET B 240 13.74 31.86 -29.72
C MET B 240 14.70 31.26 -30.76
N ALA B 241 14.74 29.92 -30.82
CA ALA B 241 15.60 29.23 -31.75
C ALA B 241 15.22 29.49 -33.21
N LYS B 242 13.92 29.54 -33.48
CA LYS B 242 13.47 29.83 -34.85
C LYS B 242 13.93 31.25 -35.22
N GLU B 243 13.61 32.21 -34.36
CA GLU B 243 13.92 33.62 -34.65
C GLU B 243 15.42 33.92 -34.71
N LYS B 244 16.17 33.42 -33.72
CA LYS B 244 17.57 33.79 -33.58
C LYS B 244 18.53 32.92 -34.38
N LEU B 245 18.18 31.66 -34.61
CA LEU B 245 19.09 30.71 -35.22
C LEU B 245 18.58 30.06 -36.53
N GLY B 246 17.34 30.33 -36.89
CA GLY B 246 16.73 29.63 -38.02
C GLY B 246 16.70 28.12 -37.79
N VAL B 247 16.43 27.71 -36.55
CA VAL B 247 16.38 26.30 -36.14
C VAL B 247 14.93 25.86 -35.89
N SER B 248 14.52 24.79 -36.54
CA SER B 248 13.18 24.22 -36.46
C SER B 248 13.11 23.17 -35.32
N CYS B 249 12.37 23.48 -34.24
CA CYS B 249 12.29 22.58 -33.08
C CYS B 249 10.99 21.83 -33.01
N GLU B 250 11.08 20.54 -32.76
CA GLU B 250 9.93 19.71 -32.47
C GLU B 250 9.74 19.69 -30.95
N VAL B 251 8.60 20.16 -30.49
CA VAL B 251 8.38 20.32 -29.05
C VAL B 251 7.42 19.23 -28.58
N ILE B 252 7.83 18.44 -27.59
CA ILE B 252 7.06 17.32 -27.11
C ILE B 252 6.79 17.44 -25.64
N ASP B 253 5.53 17.27 -25.26
CA ASP B 253 5.14 17.10 -23.86
C ASP B 253 5.04 15.61 -23.52
N LEU B 254 5.89 15.15 -22.63
CA LEU B 254 5.91 13.72 -22.30
C LEU B 254 4.62 13.24 -21.63
N ARG B 255 4.06 14.07 -20.73
CA ARG B 255 2.80 13.85 -20.01
C ARG B 255 2.85 12.73 -18.98
N THR B 256 3.14 11.49 -19.41
CA THR B 256 3.28 10.36 -18.47
C THR B 256 4.73 10.00 -18.28
N ILE B 257 5.16 10.07 -17.02
CA ILE B 257 6.53 9.76 -16.64
C ILE B 257 6.81 8.28 -16.67
N ILE B 258 5.97 7.50 -16.01
CA ILE B 258 5.98 6.06 -16.24
C ILE B 258 4.58 5.49 -16.29
N PRO B 259 4.36 4.45 -17.11
CA PRO B 259 5.25 4.02 -18.23
C PRO B 259 5.31 5.09 -19.32
N TRP B 260 6.51 5.42 -19.82
CA TRP B 260 6.57 6.55 -20.72
C TRP B 260 6.53 6.13 -22.19
N ASP B 261 6.21 7.11 -23.02
CA ASP B 261 5.99 6.92 -24.46
C ASP B 261 7.35 6.96 -25.20
N VAL B 262 8.11 5.86 -25.06
CA VAL B 262 9.39 5.68 -25.73
C VAL B 262 9.27 5.87 -27.25
N ASP B 263 8.23 5.29 -27.86
CA ASP B 263 8.06 5.29 -29.33
C ASP B 263 7.98 6.68 -29.89
N THR B 264 7.20 7.55 -29.27
CA THR B 264 6.96 8.93 -29.78
C THR B 264 8.25 9.70 -29.73
N ILE B 265 9.00 9.56 -28.64
CA ILE B 265 10.27 10.29 -28.50
C ILE B 265 11.31 9.81 -29.51
N CYS B 266 11.56 8.50 -29.55
CA CYS B 266 12.46 7.92 -30.57
C CYS B 266 12.04 8.23 -31.99
N LYS B 267 10.75 8.17 -32.30
CA LYS B 267 10.34 8.53 -33.67
C LYS B 267 10.78 9.95 -34.01
N SER B 268 10.67 10.86 -33.05
CA SER B 268 11.02 12.26 -33.28
C SER B 268 12.52 12.41 -33.48
N VAL B 269 13.31 11.76 -32.63
CA VAL B 269 14.78 11.87 -32.68
C VAL B 269 15.35 11.21 -33.93
N ILE B 270 14.73 10.13 -34.39
CA ILE B 270 15.12 9.52 -35.70
C ILE B 270 14.98 10.56 -36.83
N LYS B 271 13.93 11.37 -36.77
CA LYS B 271 13.73 12.44 -37.72
C LYS B 271 14.70 13.63 -37.55
N THR B 272 14.87 14.14 -36.33
CA THR B 272 15.66 15.36 -36.15
C THR B 272 17.15 15.10 -35.90
N GLY B 273 17.50 13.98 -35.24
CA GLY B 273 18.91 13.69 -34.98
C GLY B 273 19.52 14.34 -33.75
N ARG B 274 18.71 15.12 -33.03
CA ARG B 274 19.17 15.86 -31.84
C ARG B 274 18.08 15.94 -30.79
N LEU B 275 18.48 15.87 -29.53
CA LEU B 275 17.54 15.82 -28.43
C LEU B 275 18.04 16.64 -27.30
N LEU B 276 17.13 17.48 -26.79
CA LEU B 276 17.35 18.21 -25.54
C LEU B 276 16.18 17.95 -24.62
N ILE B 277 16.47 17.52 -23.41
CA ILE B 277 15.43 17.21 -22.44
C ILE B 277 15.61 18.19 -21.30
N SER B 278 14.51 18.73 -20.78
CA SER B 278 14.66 19.71 -19.67
C SER B 278 13.65 19.42 -18.58
N HIS B 279 14.07 19.55 -17.31
CA HIS B 279 13.15 19.45 -16.17
C HIS B 279 13.65 20.23 -14.94
N GLU B 280 12.72 20.67 -14.08
CA GLU B 280 13.09 21.51 -12.96
C GLU B 280 13.82 20.64 -11.95
N ALA B 281 13.51 19.33 -11.89
CA ALA B 281 14.18 18.48 -10.90
C ALA B 281 15.74 18.48 -11.11
N PRO B 282 16.48 18.19 -10.05
CA PRO B 282 17.91 18.06 -10.18
C PRO B 282 18.36 17.09 -11.29
N LEU B 283 19.50 17.44 -11.86
CA LEU B 283 20.11 16.68 -12.93
C LEU B 283 20.31 15.21 -12.52
N THR B 284 21.09 14.99 -11.45
CA THR B 284 21.56 13.64 -11.16
C THR B 284 20.43 12.75 -10.71
N GLY B 285 20.24 11.65 -11.43
CA GLY B 285 19.16 10.71 -11.08
C GLY B 285 17.81 11.21 -11.56
N GLY B 286 17.78 12.38 -12.24
CA GLY B 286 16.49 13.01 -12.72
C GLY B 286 15.96 12.13 -13.85
N PHE B 287 14.71 12.32 -14.25
CA PHE B 287 14.14 11.43 -15.23
C PHE B 287 14.72 11.67 -16.64
N ALA B 288 15.32 12.84 -16.88
CA ALA B 288 16.00 13.03 -18.16
C ALA B 288 17.07 11.96 -18.39
N SER B 289 17.70 11.44 -17.32
N SER B 289 17.68 11.46 -17.31
CA SER B 289 18.74 10.43 -17.55
CA SER B 289 18.70 10.43 -17.46
C SER B 289 18.15 9.14 -18.15
C SER B 289 18.15 9.16 -18.13
N GLU B 290 16.92 8.78 -17.76
CA GLU B 290 16.25 7.59 -18.33
C GLU B 290 15.92 7.79 -19.78
N ILE B 291 15.37 8.96 -20.09
CA ILE B 291 15.03 9.26 -21.50
C ILE B 291 16.30 9.27 -22.34
N SER B 292 17.31 9.99 -21.89
CA SER B 292 18.57 10.09 -22.65
C SER B 292 19.23 8.72 -22.90
N SER B 293 19.38 7.89 -21.87
N SER B 293 19.35 7.90 -21.85
CA SER B 293 19.95 6.54 -22.05
CA SER B 293 19.94 6.55 -21.95
C SER B 293 19.19 5.75 -23.12
C SER B 293 19.19 5.61 -22.93
N THR B 294 17.87 5.72 -22.97
CA THR B 294 17.01 4.92 -23.83
C THR B 294 17.11 5.40 -25.28
N VAL B 295 17.09 6.70 -25.47
CA VAL B 295 17.13 7.25 -26.83
C VAL B 295 18.47 6.91 -27.46
N GLN B 296 19.52 7.03 -26.69
CA GLN B 296 20.84 6.69 -27.19
C GLN B 296 20.91 5.21 -27.61
N GLU B 297 20.26 4.35 -26.83
CA GLU B 297 20.22 2.92 -27.14
C GLU B 297 19.43 2.69 -28.43
N GLU B 298 18.32 3.41 -28.63
CA GLU B 298 17.42 3.15 -29.76
C GLU B 298 17.76 3.95 -31.02
N CYS B 299 18.43 5.09 -30.87
CA CYS B 299 18.66 6.06 -31.97
C CYS B 299 20.14 6.36 -32.19
N PHE B 300 21.00 5.46 -31.73
CA PHE B 300 22.44 5.64 -31.88
C PHE B 300 22.86 6.09 -33.30
N LEU B 301 22.37 5.39 -34.32
CA LEU B 301 22.73 5.68 -35.72
C LEU B 301 22.22 7.05 -36.22
N ASN B 302 21.23 7.63 -35.53
CA ASN B 302 20.59 8.88 -35.98
C ASN B 302 21.06 10.11 -35.24
N LEU B 303 21.67 9.89 -34.07
CA LEU B 303 22.05 10.96 -33.18
C LEU B 303 23.26 11.72 -33.72
N GLU B 304 23.07 13.01 -34.00
CA GLU B 304 24.12 13.83 -34.58
C GLU B 304 24.97 14.58 -33.58
N ALA B 305 24.56 14.54 -32.31
CA ALA B 305 25.17 15.35 -31.28
C ALA B 305 24.78 14.69 -29.97
N PRO B 306 25.58 14.89 -28.92
CA PRO B 306 25.20 14.38 -27.61
C PRO B 306 23.88 14.96 -27.17
N ILE B 307 23.12 14.13 -26.47
CA ILE B 307 21.84 14.52 -25.93
C ILE B 307 22.10 15.46 -24.76
N SER B 308 21.37 16.57 -24.75
CA SER B 308 21.53 17.58 -23.74
C SER B 308 20.40 17.42 -22.68
N ARG B 309 20.78 17.54 -21.41
CA ARG B 309 19.83 17.62 -20.34
C ARG B 309 20.03 18.99 -19.67
N VAL B 310 18.98 19.80 -19.63
CA VAL B 310 19.06 21.08 -18.96
C VAL B 310 18.13 21.00 -17.78
N CYS B 311 18.71 20.86 -16.60
CA CYS B 311 17.89 20.54 -15.39
C CYS B 311 18.22 21.48 -14.24
N GLY B 312 17.47 21.35 -13.13
CA GLY B 312 17.83 21.98 -11.87
C GLY B 312 19.23 21.51 -11.47
N TYR B 313 19.95 22.33 -10.70
CA TYR B 313 21.25 21.91 -10.16
C TYR B 313 21.07 20.82 -9.10
N ASP B 314 22.17 20.11 -8.80
CA ASP B 314 22.14 19.05 -7.78
C ASP B 314 22.25 19.67 -6.40
N THR B 315 21.24 20.47 -6.04
CA THR B 315 21.15 21.12 -4.72
C THR B 315 19.69 20.98 -4.25
N PRO B 316 19.42 21.30 -2.99
CA PRO B 316 18.05 21.49 -2.56
C PRO B 316 17.51 22.76 -3.24
N PHE B 317 16.19 22.87 -3.25
CA PHE B 317 15.54 23.99 -4.02
C PHE B 317 15.57 25.29 -3.19
N PRO B 318 16.37 26.32 -3.59
CA PRO B 318 16.56 27.49 -2.69
C PRO B 318 15.43 28.52 -2.73
N HIS B 319 15.36 29.31 -1.65
CA HIS B 319 14.43 30.43 -1.54
C HIS B 319 14.92 31.63 -2.41
N ILE B 320 15.91 32.39 -1.92
CA ILE B 320 16.21 33.67 -2.58
C ILE B 320 16.86 33.45 -3.96
N PHE B 321 17.47 32.26 -4.16
CA PHE B 321 18.20 32.01 -5.43
C PHE B 321 17.36 31.35 -6.48
N GLU B 322 16.03 31.24 -6.29
CA GLU B 322 15.24 30.51 -7.28
C GLU B 322 15.47 30.96 -8.73
N PRO B 323 15.51 32.27 -9.00
CA PRO B 323 15.72 32.71 -10.40
C PRO B 323 17.01 32.19 -11.04
N PHE B 324 18.01 31.87 -10.22
CA PHE B 324 19.27 31.32 -10.71
C PHE B 324 19.31 29.80 -10.77
N TYR B 325 18.37 29.16 -10.08
CA TYR B 325 18.38 27.71 -9.89
C TYR B 325 17.67 27.05 -11.10
N ILE B 326 16.54 27.62 -11.54
CA ILE B 326 15.69 26.89 -12.48
C ILE B 326 16.28 26.83 -13.91
N PRO B 327 15.97 25.77 -14.66
CA PRO B 327 16.47 25.63 -16.05
C PRO B 327 15.61 26.52 -16.96
N ASP B 328 15.83 27.82 -16.88
CA ASP B 328 14.92 28.73 -17.59
C ASP B 328 15.17 28.76 -19.11
N LYS B 329 14.43 29.62 -19.80
CA LYS B 329 14.50 29.67 -21.26
C LYS B 329 15.90 30.03 -21.80
N TRP B 330 16.67 30.83 -21.05
CA TRP B 330 18.02 31.19 -21.49
C TRP B 330 18.98 30.03 -21.31
N LYS B 331 18.85 29.28 -20.22
CA LYS B 331 19.72 28.14 -20.03
C LYS B 331 19.44 27.10 -21.10
N CYS B 332 18.17 26.89 -21.37
CA CYS B 332 17.75 25.94 -22.40
C CYS B 332 18.21 26.35 -23.78
N TYR B 333 17.96 27.61 -24.12
CA TYR B 333 18.40 28.17 -25.42
C TYR B 333 19.91 28.04 -25.62
N ASP B 334 20.67 28.38 -24.58
CA ASP B 334 22.13 28.34 -24.70
C ASP B 334 22.61 26.92 -24.94
N ALA B 335 22.05 25.97 -24.20
CA ALA B 335 22.35 24.57 -24.38
C ALA B 335 21.98 24.13 -25.80
N LEU B 336 20.82 24.55 -26.27
CA LEU B 336 20.38 24.22 -27.62
C LEU B 336 21.32 24.80 -28.67
N ARG B 337 21.75 26.05 -28.44
CA ARG B 337 22.66 26.72 -29.36
C ARG B 337 23.93 25.86 -29.51
N LYS B 338 24.54 25.54 -28.38
CA LYS B 338 25.73 24.73 -28.38
C LYS B 338 25.56 23.39 -29.07
N MET B 339 24.43 22.73 -28.84
CA MET B 339 24.19 21.42 -29.42
C MET B 339 24.01 21.54 -30.94
N ILE B 340 23.35 22.61 -31.38
CA ILE B 340 23.22 22.92 -32.81
C ILE B 340 24.62 23.16 -33.42
N ASN B 341 25.47 23.89 -32.72
CA ASN B 341 26.87 24.08 -33.13
C ASN B 341 27.74 22.84 -33.18
N TYR B 342 27.33 21.77 -32.47
CA TYR B 342 28.18 20.60 -32.32
C TYR B 342 28.63 20.04 -33.66
#